data_4ZFO
#
_entry.id   4ZFO
#
_cell.length_a   72.801
_cell.length_b   110.139
_cell.length_c   137.279
_cell.angle_alpha   90.00
_cell.angle_beta   90.00
_cell.angle_gamma   90.00
#
_symmetry.space_group_name_H-M   'P 21 21 21'
#
loop_
_entity.id
_entity.type
_entity.pdbx_description
1 polymer 'Tumor necrosis factor receptor superfamily member 17'
2 polymer 'J22.9-xi Fab, Light Chain'
3 polymer 'J22.9-xi Fab, Heavy Chain'
4 polymer 'J22.9-xi Fab, Light Chain'
5 non-polymer 'COPPER (II) ION'
6 non-polymer 2-[BIS-(2-HYDROXY-ETHYL)-AMINO]-2-HYDROXYMETHYL-PROPANE-1,3-DIOL
7 water water
#
loop_
_entity_poly.entity_id
_entity_poly.type
_entity_poly.pdbx_seq_one_letter_code
_entity_poly.pdbx_strand_id
1 'polypeptide(L)' MLQMAGQCSQNEYFDSLLHACIPCQLRCSSNTPPLTCQRYCNASVTNSVKGTNA F,K
2 'polypeptide(L)'
;DIVMTQSQRFMTTSVGDRVSVTCKASQSVDSNVAWYQQKPRQSPKALIFSASLRFSGVPARFTGSGSGTDFTLTISNLQS
EDLAEYFCQQYNNYPLTFGAGTKLELKRTVAAPSVFIFPPSDEQLKSGTASVVCLLNNFYPREAKVQWKVDNALQSGNSQ
ESVTEQDSKDSTYSLSSTLTLSKADYEKHKVYACEVTHQGLSSPVTKSFNRGEA
;
L
3 'polypeptide(L)'
;QVQLQQSGGGLVQPGGSLKLSCAASGIDFSRYWMSWVRRAPGKGLEWIGEINPDSSTINYAPSLKDKFIISRDNAKNTLY
LQMSKVRSEDTALYYCASLYYDYGDAMDYWGQGTSVTVSSASTKGPSVFPLAPSSKSTSGGTAALGCLVKDYFPEPVTVS
WNSGALTSGVHTFPAVLQSSGLYSLSSVVTVPSSSLGTQTYICNVNHKPSNTKVDKRVEPA
;
H,A
4 'polypeptide(L)'
;DIVMTQSQRFMTTSVGDRVSVTCKASQSVDSNVAWYQQKPRQSPKALIFSASLRFSGVPARFTGSGSGTDFTLTISNLQS
EDLAEYFCQQYNNYPLTFGAGTKLELKRTVAAPSVFIFPPSDEQLKSGTASVVCLLNNFYPREAKVQWKVDNALQSGNSQ
ESVTEQDSKDSTYSLSSTLTLSKADYEKHKVYACEVTHQGLSSPVTKSFNRGE
;
B
#
loop_
_chem_comp.id
_chem_comp.type
_chem_comp.name
_chem_comp.formula
BTB non-polymer 2-[BIS-(2-HYDROXY-ETHYL)-AMINO]-2-HYDROXYMETHYL-PROPANE-1,3-DIOL 'C8 H19 N O5'
CU non-polymer 'COPPER (II) ION' 'Cu 2'
#
# COMPACT_ATOMS: atom_id res chain seq x y z
N GLY A 6 0.59 -14.39 -37.57
CA GLY A 6 -0.84 -14.20 -37.76
C GLY A 6 -1.26 -14.03 -39.21
N GLN A 7 -2.48 -14.46 -39.53
CA GLN A 7 -3.03 -14.37 -40.88
C GLN A 7 -3.62 -12.98 -41.16
N CYS A 8 -2.98 -12.22 -42.04
CA CYS A 8 -3.50 -10.91 -42.44
C CYS A 8 -3.82 -10.87 -43.93
N SER A 9 -4.78 -10.02 -44.32
CA SER A 9 -5.05 -9.81 -45.75
C SER A 9 -3.85 -9.12 -46.41
N GLN A 10 -3.81 -9.09 -47.73
CA GLN A 10 -2.66 -8.59 -48.48
C GLN A 10 -2.37 -7.12 -48.19
N ASN A 11 -3.40 -6.37 -47.78
CA ASN A 11 -3.21 -4.95 -47.50
C ASN A 11 -2.74 -4.67 -46.05
N GLU A 12 -2.55 -5.74 -45.29
CA GLU A 12 -2.10 -5.60 -43.90
C GLU A 12 -0.89 -6.49 -43.61
N TYR A 13 -0.23 -6.26 -42.48
CA TYR A 13 0.90 -7.08 -42.05
C TYR A 13 0.83 -7.28 -40.54
N PHE A 14 1.40 -8.36 -40.06
CA PHE A 14 1.25 -8.72 -38.64
C PHE A 14 2.36 -8.13 -37.81
N ASP A 15 2.00 -7.38 -36.76
CA ASP A 15 3.00 -6.90 -35.80
C ASP A 15 2.89 -7.72 -34.51
N SER A 16 3.98 -8.38 -34.12
CA SER A 16 3.89 -9.36 -33.04
C SER A 16 4.11 -8.75 -31.64
N LEU A 17 4.50 -7.48 -31.56
CA LEU A 17 4.45 -6.77 -30.29
C LEU A 17 3.00 -6.46 -29.90
N LEU A 18 2.21 -6.00 -30.87
CA LEU A 18 0.80 -5.70 -30.60
C LEU A 18 -0.08 -6.91 -30.88
N HIS A 19 0.49 -7.89 -31.56
CA HIS A 19 -0.21 -9.13 -31.89
C HIS A 19 -1.45 -8.81 -32.70
N ALA A 20 -1.25 -8.11 -33.80
CA ALA A 20 -2.38 -7.62 -34.57
C ALA A 20 -1.98 -7.36 -36.00
N CYS A 21 -2.95 -7.49 -36.91
CA CYS A 21 -2.72 -7.06 -38.29
C CYS A 21 -2.78 -5.56 -38.36
N ILE A 22 -1.78 -4.98 -39.02
CA ILE A 22 -1.63 -3.53 -39.10
C ILE A 22 -1.84 -3.09 -40.55
N PRO A 23 -2.53 -1.96 -40.80
CA PRO A 23 -2.64 -1.53 -42.20
C PRO A 23 -1.28 -1.18 -42.83
N CYS A 24 -1.02 -1.72 -44.01
CA CYS A 24 0.16 -1.34 -44.79
C CYS A 24 0.26 0.17 -45.01
N GLN A 25 -0.89 0.82 -45.12
CA GLN A 25 -0.93 2.25 -45.41
C GLN A 25 -0.14 3.05 -44.38
N LEU A 26 -0.13 2.57 -43.14
CA LEU A 26 0.63 3.22 -42.09
C LEU A 26 2.13 3.22 -42.40
N ARG A 27 2.58 2.24 -43.18
CA ARG A 27 4.02 2.08 -43.45
C ARG A 27 4.49 2.59 -44.82
N CYS A 28 3.56 3.03 -45.66
CA CYS A 28 3.89 3.39 -47.04
C CYS A 28 4.87 4.56 -47.16
N SER A 29 4.79 5.51 -46.23
CA SER A 29 5.62 6.72 -46.31
C SER A 29 7.05 6.44 -45.86
N SER A 30 7.23 5.34 -45.13
CA SER A 30 8.55 4.90 -44.70
C SER A 30 9.37 4.43 -45.90
N ASN A 31 10.69 4.63 -45.82
CA ASN A 31 11.59 4.10 -46.83
C ASN A 31 11.63 2.58 -46.76
N THR A 32 11.18 2.01 -45.63
CA THR A 32 11.31 0.57 -45.44
C THR A 32 10.01 -0.11 -44.95
N PRO A 33 8.98 -0.15 -45.81
CA PRO A 33 7.74 -0.88 -45.49
C PRO A 33 7.96 -2.38 -45.57
N PRO A 34 7.10 -3.18 -44.93
CA PRO A 34 7.18 -4.64 -45.02
C PRO A 34 7.18 -5.09 -46.48
N LEU A 35 7.82 -6.21 -46.78
CA LEU A 35 7.92 -6.65 -48.18
C LEU A 35 6.53 -6.94 -48.74
N THR A 36 5.67 -7.50 -47.89
CA THR A 36 4.31 -7.88 -48.30
C THR A 36 3.41 -6.67 -48.56
N CYS A 37 3.83 -5.50 -48.08
CA CYS A 37 3.09 -4.27 -48.31
C CYS A 37 3.50 -3.59 -49.62
N GLN A 38 4.45 -4.17 -50.33
CA GLN A 38 4.93 -3.62 -51.59
C GLN A 38 3.79 -3.47 -52.60
N ARG A 39 2.98 -4.51 -52.74
CA ARG A 39 1.88 -4.51 -53.71
C ARG A 39 0.89 -3.37 -53.43
N TYR A 40 0.51 -3.22 -52.17
CA TYR A 40 -0.41 -2.15 -51.78
C TYR A 40 0.23 -0.76 -51.87
N CYS A 41 1.46 -0.63 -51.39
CA CYS A 41 2.17 0.65 -51.42
C CYS A 41 2.77 0.91 -52.79
N ASP B 1 -28.21 16.37 17.33
CA ASP B 1 -28.05 15.36 16.30
C ASP B 1 -29.10 14.29 16.52
N ILE B 2 -29.71 13.82 15.45
CA ILE B 2 -30.76 12.82 15.61
C ILE B 2 -30.15 11.48 16.00
N VAL B 3 -30.72 10.86 17.02
CA VAL B 3 -30.25 9.57 17.50
C VAL B 3 -31.13 8.50 16.89
N MET B 4 -30.50 7.54 16.21
CA MET B 4 -31.20 6.39 15.62
C MET B 4 -30.91 5.18 16.48
N THR B 5 -31.92 4.66 17.14
CA THR B 5 -31.71 3.58 18.08
C THR B 5 -32.11 2.23 17.49
N GLN B 6 -31.10 1.39 17.26
CA GLN B 6 -31.32 -0.03 16.98
C GLN B 6 -31.13 -0.77 18.28
N SER B 7 -32.23 -1.13 18.92
CA SER B 7 -32.19 -1.69 20.27
C SER B 7 -31.53 -3.07 20.33
N GLN B 8 -31.49 -3.77 19.20
CA GLN B 8 -30.90 -5.11 19.17
C GLN B 8 -29.55 -5.09 18.45
N ARG B 9 -28.47 -5.12 19.23
CA ARG B 9 -27.12 -5.13 18.67
C ARG B 9 -26.83 -6.46 17.98
N PHE B 10 -27.39 -7.53 18.53
CA PHE B 10 -27.32 -8.86 17.92
C PHE B 10 -28.73 -9.44 17.80
N MET B 11 -29.00 -10.11 16.68
CA MET B 11 -30.26 -10.85 16.58
C MET B 11 -29.96 -12.27 16.18
N THR B 12 -30.57 -13.21 16.90
CA THR B 12 -30.40 -14.61 16.61
C THR B 12 -31.46 -15.06 15.63
N THR B 13 -31.04 -15.68 14.53
CA THR B 13 -31.96 -16.05 13.46
C THR B 13 -31.62 -17.42 12.84
N SER B 14 -32.48 -17.91 11.95
CA SER B 14 -32.21 -19.17 11.25
C SER B 14 -32.39 -18.95 9.77
N VAL B 15 -31.58 -19.65 8.97
CA VAL B 15 -31.73 -19.56 7.52
C VAL B 15 -33.15 -19.96 7.11
N GLY B 16 -33.82 -19.09 6.33
CA GLY B 16 -35.21 -19.29 5.96
C GLY B 16 -36.19 -18.42 6.75
N ASP B 17 -35.77 -17.94 7.92
CA ASP B 17 -36.59 -17.09 8.82
C ASP B 17 -36.95 -15.75 8.25
N ARG B 18 -38.13 -15.26 8.60
CA ARG B 18 -38.45 -13.84 8.50
C ARG B 18 -37.69 -13.11 9.60
N VAL B 19 -36.94 -12.08 9.22
CA VAL B 19 -36.20 -11.29 10.20
C VAL B 19 -36.60 -9.84 10.05
N SER B 20 -36.90 -9.17 11.17
CA SER B 20 -37.17 -7.74 11.15
C SER B 20 -36.23 -6.99 12.08
N VAL B 21 -35.49 -6.05 11.50
CA VAL B 21 -34.58 -5.22 12.27
C VAL B 21 -35.24 -3.87 12.55
N THR B 22 -35.29 -3.48 13.82
CA THR B 22 -35.97 -2.23 14.16
C THR B 22 -34.99 -1.06 14.36
N CYS B 23 -35.52 0.14 14.19
CA CYS B 23 -34.75 1.36 14.32
C CYS B 23 -35.71 2.49 14.66
N LYS B 24 -35.40 3.21 15.74
CA LYS B 24 -36.27 4.26 16.27
C LYS B 24 -35.54 5.58 16.32
N ALA B 25 -36.09 6.58 15.64
CA ALA B 25 -35.48 7.89 15.58
C ALA B 25 -35.93 8.70 16.78
N SER B 26 -35.02 9.52 17.30
CA SER B 26 -35.28 10.35 18.49
C SER B 26 -36.28 11.46 18.19
N GLN B 27 -36.45 11.78 16.92
CA GLN B 27 -37.51 12.69 16.52
C GLN B 27 -38.03 12.25 15.17
N SER B 28 -39.18 12.79 14.76
CA SER B 28 -39.79 12.41 13.51
C SER B 28 -38.90 12.77 12.32
N VAL B 29 -38.72 11.81 11.42
CA VAL B 29 -37.87 12.00 10.25
C VAL B 29 -38.60 11.66 8.94
N ASP B 30 -39.93 11.74 8.97
CA ASP B 30 -40.75 11.52 7.80
C ASP B 30 -40.42 10.12 7.25
N SER B 31 -40.13 10.04 5.96
CA SER B 31 -39.66 8.78 5.40
C SER B 31 -38.20 8.86 4.93
N ASN B 32 -37.48 9.84 5.46
CA ASN B 32 -36.09 10.03 5.06
C ASN B 32 -35.15 9.11 5.84
N VAL B 33 -35.30 7.82 5.59
CA VAL B 33 -34.51 6.80 6.25
C VAL B 33 -33.94 5.83 5.23
N ALA B 34 -32.68 5.48 5.41
CA ALA B 34 -32.02 4.50 4.56
C ALA B 34 -31.52 3.34 5.38
N TRP B 35 -31.29 2.20 4.72
CA TRP B 35 -30.71 1.02 5.36
C TRP B 35 -29.50 0.55 4.60
N TYR B 36 -28.49 0.11 5.34
CA TYR B 36 -27.27 -0.38 4.75
C TYR B 36 -26.90 -1.74 5.31
N GLN B 37 -26.18 -2.51 4.52
CA GLN B 37 -25.61 -3.77 4.94
C GLN B 37 -24.09 -3.70 4.95
N GLN B 38 -23.46 -4.38 5.88
CA GLN B 38 -22.02 -4.53 5.77
C GLN B 38 -21.59 -5.88 6.34
N LYS B 39 -20.65 -6.50 5.65
CA LYS B 39 -20.04 -7.74 6.12
C LYS B 39 -18.62 -7.47 6.52
N PRO B 40 -18.02 -8.36 7.32
CA PRO B 40 -16.62 -8.10 7.66
C PRO B 40 -15.75 -8.07 6.43
N ARG B 41 -14.77 -7.17 6.42
CA ARG B 41 -13.80 -7.08 5.34
C ARG B 41 -14.46 -6.76 4.01
N GLN B 42 -15.69 -6.27 4.04
CA GLN B 42 -16.32 -5.73 2.83
C GLN B 42 -16.85 -4.33 3.06
N SER B 43 -17.05 -3.60 1.95
CA SER B 43 -17.60 -2.25 2.02
CA SER B 43 -17.59 -2.26 2.04
C SER B 43 -19.09 -2.32 2.31
N PRO B 44 -19.66 -1.20 2.79
CA PRO B 44 -21.12 -1.16 2.98
C PRO B 44 -21.84 -1.29 1.64
N LYS B 45 -23.11 -1.62 1.73
CA LYS B 45 -23.96 -1.72 0.56
C LYS B 45 -25.28 -1.09 0.93
N ALA B 46 -25.78 -0.20 0.07
CA ALA B 46 -27.04 0.46 0.37
C ALA B 46 -28.18 -0.47 -0.01
N LEU B 47 -29.19 -0.58 0.86
CA LEU B 47 -30.33 -1.47 0.59
C LEU B 47 -31.59 -0.71 0.31
N ILE B 48 -31.88 0.27 1.15
CA ILE B 48 -33.17 0.96 1.12
C ILE B 48 -32.94 2.46 1.17
N PHE B 49 -33.78 3.23 0.48
CA PHE B 49 -33.85 4.66 0.71
C PHE B 49 -35.33 5.05 0.74
N SER B 50 -35.63 6.24 1.23
CA SER B 50 -37.02 6.70 1.36
C SER B 50 -37.85 5.71 2.20
N ALA B 51 -37.21 5.09 3.19
CA ALA B 51 -37.84 4.13 4.11
C ALA B 51 -38.22 2.79 3.50
N SER B 52 -38.66 2.77 2.24
CA SER B 52 -39.25 1.54 1.71
C SER B 52 -38.84 1.17 0.30
N LEU B 53 -37.95 1.97 -0.32
CA LEU B 53 -37.59 1.74 -1.72
C LEU B 53 -36.21 1.12 -1.85
N ARG B 54 -36.13 0.06 -2.64
CA ARG B 54 -34.88 -0.65 -2.77
C ARG B 54 -33.92 0.03 -3.74
N PHE B 55 -32.64 -0.06 -3.44
CA PHE B 55 -31.60 0.30 -4.40
C PHE B 55 -31.55 -0.73 -5.50
N SER B 56 -31.10 -0.32 -6.66
CA SER B 56 -30.97 -1.22 -7.79
C SER B 56 -30.18 -2.47 -7.43
N GLY B 57 -30.70 -3.62 -7.84
CA GLY B 57 -30.03 -4.89 -7.62
C GLY B 57 -30.18 -5.51 -6.24
N VAL B 58 -30.81 -4.82 -5.30
CA VAL B 58 -31.11 -5.40 -4.00
C VAL B 58 -32.23 -6.44 -4.13
N PRO B 59 -32.04 -7.65 -3.58
CA PRO B 59 -33.06 -8.70 -3.76
C PRO B 59 -34.43 -8.34 -3.19
N ALA B 60 -35.50 -8.90 -3.74
CA ALA B 60 -36.86 -8.54 -3.36
C ALA B 60 -37.20 -8.96 -1.91
N ARG B 61 -36.42 -9.88 -1.34
CA ARG B 61 -36.73 -10.35 0.01
C ARG B 61 -36.49 -9.26 1.07
N PHE B 62 -35.81 -8.20 0.67
CA PHE B 62 -35.57 -7.05 1.53
C PHE B 62 -36.69 -6.04 1.35
N THR B 63 -37.36 -5.68 2.44
CA THR B 63 -38.36 -4.62 2.39
C THR B 63 -38.09 -3.64 3.51
N GLY B 64 -38.55 -2.41 3.34
CA GLY B 64 -38.38 -1.41 4.37
C GLY B 64 -39.75 -0.85 4.66
N SER B 65 -40.01 -0.50 5.92
CA SER B 65 -41.27 0.14 6.24
C SER B 65 -41.10 1.16 7.36
N GLY B 66 -42.12 1.98 7.54
CA GLY B 66 -42.19 2.91 8.65
C GLY B 66 -42.17 4.35 8.19
N SER B 67 -42.72 5.22 9.02
N SER B 67 -42.68 5.25 9.04
CA SER B 67 -42.59 6.66 8.86
CA SER B 67 -42.69 6.70 8.78
C SER B 67 -42.68 7.29 10.23
C SER B 67 -42.97 7.50 10.05
N GLY B 68 -42.09 8.46 10.36
CA GLY B 68 -42.15 9.17 11.62
C GLY B 68 -40.92 8.79 12.42
N THR B 69 -41.07 7.87 13.37
CA THR B 69 -39.95 7.48 14.21
C THR B 69 -39.61 6.00 14.22
N ASP B 70 -40.55 5.13 13.87
CA ASP B 70 -40.31 3.69 13.97
C ASP B 70 -40.10 3.04 12.61
N PHE B 71 -38.90 2.52 12.37
CA PHE B 71 -38.60 1.96 11.07
C PHE B 71 -38.18 0.52 11.18
N THR B 72 -38.45 -0.23 10.13
CA THR B 72 -38.16 -1.65 10.14
C THR B 72 -37.62 -2.09 8.79
N LEU B 73 -36.51 -2.81 8.83
CA LEU B 73 -35.99 -3.52 7.67
C LEU B 73 -36.39 -4.97 7.84
N THR B 74 -37.10 -5.52 6.86
CA THR B 74 -37.50 -6.92 6.96
C THR B 74 -36.89 -7.77 5.85
N ILE B 75 -36.35 -8.93 6.22
CA ILE B 75 -35.91 -9.92 5.25
C ILE B 75 -36.93 -11.04 5.31
N SER B 76 -37.62 -11.28 4.19
CA SER B 76 -38.77 -12.18 4.20
C SER B 76 -38.37 -13.61 4.51
N ASN B 77 -37.27 -14.06 3.91
CA ASN B 77 -36.74 -15.39 4.20
C ASN B 77 -35.23 -15.32 4.12
N LEU B 78 -34.59 -15.39 5.29
CA LEU B 78 -33.16 -15.15 5.39
C LEU B 78 -32.32 -16.14 4.56
N GLN B 79 -31.43 -15.61 3.73
CA GLN B 79 -30.43 -16.43 3.04
C GLN B 79 -29.11 -16.35 3.81
N SER B 80 -28.31 -17.40 3.71
CA SER B 80 -26.98 -17.43 4.35
C SER B 80 -26.21 -16.14 4.15
N GLU B 81 -26.20 -15.66 2.92
CA GLU B 81 -25.42 -14.46 2.58
C GLU B 81 -25.95 -13.20 3.27
N ASP B 82 -27.12 -13.29 3.91
CA ASP B 82 -27.69 -12.14 4.60
C ASP B 82 -27.17 -12.05 6.04
N LEU B 83 -26.41 -13.05 6.46
CA LEU B 83 -25.79 -12.97 7.79
C LEU B 83 -24.72 -11.89 7.74
N ALA B 84 -25.04 -10.76 8.35
CA ALA B 84 -24.24 -9.56 8.18
C ALA B 84 -24.76 -8.54 9.16
N GLU B 85 -24.21 -7.34 9.11
CA GLU B 85 -24.63 -6.28 10.00
C GLU B 85 -25.45 -5.28 9.21
N TYR B 86 -26.48 -4.73 9.86
CA TYR B 86 -27.39 -3.79 9.21
C TYR B 86 -27.48 -2.50 9.99
N PHE B 87 -27.45 -1.39 9.26
CA PHE B 87 -27.48 -0.06 9.85
C PHE B 87 -28.60 0.78 9.26
N CYS B 88 -29.42 1.40 10.12
CA CYS B 88 -30.33 2.42 9.62
C CYS B 88 -29.58 3.73 9.61
N GLN B 89 -30.17 4.69 8.89
CA GLN B 89 -29.61 6.02 8.78
C GLN B 89 -30.76 6.97 8.58
N GLN B 90 -30.72 8.14 9.21
CA GLN B 90 -31.66 9.19 8.85
C GLN B 90 -30.95 10.24 8.03
N TYR B 91 -31.65 10.81 7.05
CA TYR B 91 -31.12 11.95 6.32
C TYR B 91 -32.15 13.07 6.25
N ASN B 92 -33.03 13.13 7.25
CA ASN B 92 -33.95 14.25 7.38
C ASN B 92 -33.24 15.59 7.70
N ASN B 93 -32.23 15.50 8.56
CA ASN B 93 -31.46 16.62 9.09
C ASN B 93 -29.99 16.35 8.83
N TYR B 94 -29.21 17.40 8.56
CA TYR B 94 -27.76 17.30 8.66
C TYR B 94 -27.35 17.50 10.10
N PRO B 95 -26.39 16.68 10.60
CA PRO B 95 -25.67 15.63 9.87
C PRO B 95 -26.50 14.37 9.74
N LEU B 96 -26.26 13.60 8.69
CA LEU B 96 -26.84 12.26 8.61
C LEU B 96 -26.23 11.42 9.74
N THR B 97 -27.07 10.63 10.39
CA THR B 97 -26.63 9.80 11.50
C THR B 97 -27.08 8.34 11.29
N PHE B 98 -26.23 7.42 11.72
CA PHE B 98 -26.45 5.98 11.67
C PHE B 98 -26.91 5.42 13.00
N GLY B 99 -27.69 4.36 12.95
CA GLY B 99 -27.94 3.55 14.13
C GLY B 99 -26.65 2.81 14.44
N ALA B 100 -26.59 2.15 15.60
CA ALA B 100 -25.36 1.50 16.06
C ALA B 100 -25.08 0.16 15.35
N GLY B 101 -26.05 -0.33 14.57
CA GLY B 101 -25.86 -1.60 13.89
C GLY B 101 -26.54 -2.77 14.58
N THR B 102 -27.06 -3.68 13.77
CA THR B 102 -27.62 -4.95 14.23
C THR B 102 -26.95 -6.09 13.48
N LYS B 103 -26.25 -6.96 14.19
CA LYS B 103 -25.63 -8.13 13.57
C LYS B 103 -26.54 -9.36 13.64
N LEU B 104 -26.80 -9.96 12.49
CA LEU B 104 -27.54 -11.23 12.45
C LEU B 104 -26.57 -12.40 12.61
N GLU B 105 -26.89 -13.29 13.53
CA GLU B 105 -26.08 -14.50 13.76
C GLU B 105 -27.01 -15.72 13.74
N LEU B 106 -26.42 -16.91 13.67
CA LEU B 106 -27.17 -18.14 13.44
C LEU B 106 -27.46 -18.87 14.72
N LYS B 107 -28.71 -19.26 14.90
CA LYS B 107 -29.09 -20.05 16.04
C LYS B 107 -28.44 -21.42 15.92
N ARG B 108 -27.98 -21.96 17.04
CA ARG B 108 -27.65 -23.37 17.12
C ARG B 108 -27.93 -23.80 18.55
N THR B 109 -27.65 -25.06 18.86
CA THR B 109 -27.93 -25.53 20.22
C THR B 109 -26.91 -24.97 21.19
N VAL B 110 -27.31 -24.85 22.46
CA VAL B 110 -26.40 -24.37 23.48
C VAL B 110 -25.19 -25.28 23.61
N ALA B 111 -24.01 -24.67 23.61
CA ALA B 111 -22.74 -25.40 23.77
C ALA B 111 -21.90 -24.74 24.85
N ALA B 112 -21.60 -25.44 25.94
CA ALA B 112 -20.73 -24.85 26.97
C ALA B 112 -19.31 -24.71 26.44
N PRO B 113 -18.57 -23.68 26.90
CA PRO B 113 -17.16 -23.55 26.46
C PRO B 113 -16.27 -24.62 27.08
N SER B 114 -15.30 -25.10 26.30
CA SER B 114 -14.15 -25.82 26.85
C SER B 114 -13.18 -24.74 27.28
N VAL B 115 -12.68 -24.83 28.51
CA VAL B 115 -11.90 -23.75 29.11
C VAL B 115 -10.49 -24.23 29.39
N PHE B 116 -9.52 -23.40 29.02
CA PHE B 116 -8.11 -23.74 29.16
C PHE B 116 -7.39 -22.55 29.71
N ILE B 117 -6.46 -22.78 30.65
CA ILE B 117 -5.61 -21.68 31.12
C ILE B 117 -4.15 -21.95 30.77
N PHE B 118 -3.45 -20.89 30.36
CA PHE B 118 -2.04 -20.98 29.95
C PHE B 118 -1.15 -20.03 30.76
N PRO B 119 -0.17 -20.58 31.50
CA PRO B 119 0.77 -19.69 32.21
C PRO B 119 1.65 -18.95 31.22
N PRO B 120 2.28 -17.86 31.65
CA PRO B 120 3.26 -17.28 30.73
C PRO B 120 4.41 -18.24 30.47
N SER B 121 4.95 -18.22 29.26
CA SER B 121 6.11 -19.02 28.94
C SER B 121 7.34 -18.50 29.69
N ASP B 122 8.30 -19.39 29.90
CA ASP B 122 9.57 -19.01 30.48
C ASP B 122 10.26 -17.95 29.63
N GLU B 123 10.20 -18.12 28.31
CA GLU B 123 10.81 -17.18 27.38
C GLU B 123 10.31 -15.75 27.59
N GLN B 124 8.99 -15.62 27.75
CA GLN B 124 8.41 -14.31 27.96
C GLN B 124 8.91 -13.67 29.25
N LEU B 125 9.00 -14.43 30.32
CA LEU B 125 9.48 -13.87 31.59
C LEU B 125 10.90 -13.28 31.47
N LYS B 126 11.70 -13.74 30.50
CA LYS B 126 13.02 -13.11 30.29
C LYS B 126 12.96 -11.60 30.02
N SER B 127 11.83 -11.07 29.58
CA SER B 127 11.78 -9.64 29.25
C SER B 127 10.79 -8.80 30.09
N GLY B 128 10.46 -9.26 31.29
CA GLY B 128 9.85 -8.38 32.28
C GLY B 128 8.34 -8.34 32.34
N THR B 129 7.70 -9.06 31.42
CA THR B 129 6.24 -9.10 31.36
C THR B 129 5.74 -10.56 31.37
N ALA B 130 4.58 -10.77 31.95
CA ALA B 130 3.93 -12.06 31.98
C ALA B 130 2.51 -11.92 31.42
N SER B 131 2.16 -12.79 30.47
CA SER B 131 0.81 -12.83 29.97
C SER B 131 0.20 -14.16 30.36
N VAL B 132 -0.96 -14.10 30.99
CA VAL B 132 -1.68 -15.30 31.35
C VAL B 132 -2.90 -15.39 30.42
N VAL B 133 -3.06 -16.53 29.74
CA VAL B 133 -4.10 -16.58 28.72
C VAL B 133 -5.19 -17.56 29.14
N CYS B 134 -6.44 -17.15 28.93
CA CYS B 134 -7.53 -18.06 29.21
C CYS B 134 -8.33 -18.24 27.94
N LEU B 135 -8.57 -19.48 27.54
CA LEU B 135 -9.25 -19.76 26.28
C LEU B 135 -10.61 -20.37 26.54
N LEU B 136 -11.65 -19.82 25.91
CA LEU B 136 -13.00 -20.37 25.96
C LEU B 136 -13.27 -20.86 24.58
N ASN B 137 -13.35 -22.17 24.41
CA ASN B 137 -13.39 -22.71 23.06
C ASN B 137 -14.78 -23.23 22.65
N ASN B 138 -15.19 -22.84 21.45
CA ASN B 138 -16.38 -23.42 20.79
C ASN B 138 -17.64 -23.45 21.64
N PHE B 139 -18.13 -22.28 22.02
CA PHE B 139 -19.34 -22.21 22.82
C PHE B 139 -20.44 -21.45 22.07
N TYR B 140 -21.66 -21.57 22.60
CA TYR B 140 -22.84 -20.88 22.06
C TYR B 140 -23.87 -20.82 23.17
N PRO B 141 -24.52 -19.65 23.35
CA PRO B 141 -24.41 -18.42 22.57
C PRO B 141 -23.15 -17.62 22.86
N ARG B 142 -23.07 -16.45 22.24
CA ARG B 142 -21.87 -15.64 22.26
C ARG B 142 -21.57 -15.05 23.64
N GLU B 143 -22.60 -14.83 24.44
CA GLU B 143 -22.40 -14.14 25.70
C GLU B 143 -21.62 -15.03 26.67
N ALA B 144 -20.54 -14.48 27.21
CA ALA B 144 -19.68 -15.20 28.14
C ALA B 144 -18.99 -14.19 29.03
N LYS B 145 -18.72 -14.57 30.28
CA LYS B 145 -18.03 -13.66 31.15
C LYS B 145 -16.78 -14.35 31.67
N VAL B 146 -15.67 -13.62 31.66
CA VAL B 146 -14.42 -14.10 32.21
C VAL B 146 -14.02 -13.23 33.39
N GLN B 147 -13.69 -13.88 34.49
CA GLN B 147 -13.22 -13.22 35.68
C GLN B 147 -11.85 -13.77 36.07
N TRP B 148 -10.85 -12.90 36.15
CA TRP B 148 -9.53 -13.33 36.63
C TRP B 148 -9.40 -13.14 38.13
N LYS B 149 -8.69 -14.07 38.75
CA LYS B 149 -8.36 -14.02 40.17
C LYS B 149 -6.90 -14.35 40.34
N VAL B 150 -6.23 -13.60 41.18
CA VAL B 150 -4.82 -13.82 41.49
C VAL B 150 -4.74 -13.89 43.01
N ASP B 151 -4.31 -15.04 43.53
CA ASP B 151 -4.40 -15.32 44.97
C ASP B 151 -5.79 -14.92 45.50
N ASN B 152 -6.83 -15.36 44.78
CA ASN B 152 -8.24 -15.01 45.05
C ASN B 152 -8.59 -13.53 45.06
N ALA B 153 -7.67 -12.66 44.66
CA ALA B 153 -8.01 -11.26 44.50
C ALA B 153 -8.60 -11.01 43.10
N LEU B 154 -9.78 -10.42 43.07
CA LEU B 154 -10.43 -10.08 41.82
C LEU B 154 -9.65 -9.07 40.97
N GLN B 155 -9.32 -9.44 39.74
CA GLN B 155 -8.56 -8.56 38.88
C GLN B 155 -9.47 -7.62 38.11
N SER B 156 -9.00 -6.41 37.89
CA SER B 156 -9.77 -5.43 37.15
C SER B 156 -8.86 -4.51 36.36
N GLY B 157 -9.20 -4.29 35.09
CA GLY B 157 -8.50 -3.30 34.29
C GLY B 157 -7.19 -3.76 33.67
N ASN B 158 -6.77 -4.98 33.95
CA ASN B 158 -5.49 -5.48 33.45
C ASN B 158 -5.64 -6.70 32.53
N SER B 159 -6.81 -6.83 31.90
CA SER B 159 -7.02 -7.88 30.91
C SER B 159 -7.71 -7.32 29.67
N GLN B 160 -7.51 -8.02 28.56
CA GLN B 160 -8.22 -7.75 27.32
C GLN B 160 -8.73 -9.05 26.74
N GLU B 161 -9.85 -8.99 26.03
CA GLU B 161 -10.34 -10.20 25.40
C GLU B 161 -10.71 -9.94 23.94
N SER B 162 -10.69 -10.99 23.13
CA SER B 162 -11.31 -10.88 21.83
C SER B 162 -12.05 -12.17 21.51
N VAL B 163 -12.99 -12.06 20.58
CA VAL B 163 -13.94 -13.11 20.28
C VAL B 163 -13.90 -13.35 18.79
N THR B 164 -13.93 -14.62 18.39
CA THR B 164 -13.90 -14.94 16.96
C THR B 164 -15.26 -14.65 16.35
N GLU B 165 -15.29 -14.49 15.03
CA GLU B 165 -16.54 -14.47 14.29
C GLU B 165 -17.20 -15.84 14.38
N GLN B 166 -18.52 -15.89 14.37
CA GLN B 166 -19.25 -17.15 14.47
C GLN B 166 -18.69 -18.14 13.44
N ASP B 167 -18.45 -19.35 13.86
CA ASP B 167 -17.79 -20.32 13.01
C ASP B 167 -18.72 -20.76 11.88
N SER B 168 -18.20 -20.77 10.66
CA SER B 168 -19.04 -21.11 9.51
C SER B 168 -19.48 -22.57 9.53
N LYS B 169 -18.71 -23.44 10.17
CA LYS B 169 -19.02 -24.87 10.16
C LYS B 169 -19.94 -25.29 11.31
N ASP B 170 -19.63 -24.86 12.53
CA ASP B 170 -20.39 -25.35 13.68
C ASP B 170 -21.11 -24.25 14.45
N SER B 171 -21.03 -23.03 13.94
CA SER B 171 -21.80 -21.89 14.46
C SER B 171 -21.48 -21.54 15.91
N THR B 172 -20.28 -21.93 16.37
CA THR B 172 -19.84 -21.58 17.73
C THR B 172 -18.96 -20.31 17.75
N TYR B 173 -18.64 -19.85 18.96
CA TYR B 173 -17.74 -18.71 19.16
C TYR B 173 -16.59 -19.19 20.04
N SER B 174 -15.46 -18.52 19.93
CA SER B 174 -14.34 -18.81 20.82
C SER B 174 -13.87 -17.46 21.35
N LEU B 175 -13.32 -17.47 22.54
CA LEU B 175 -12.91 -16.23 23.18
C LEU B 175 -11.60 -16.45 23.88
N SER B 176 -10.70 -15.48 23.74
N SER B 176 -10.71 -15.45 23.80
CA SER B 176 -9.49 -15.48 24.52
CA SER B 176 -9.40 -15.49 24.44
C SER B 176 -9.54 -14.30 25.46
C SER B 176 -9.18 -14.27 25.31
N SER B 177 -8.91 -14.47 26.61
CA SER B 177 -8.71 -13.38 27.54
C SER B 177 -7.25 -13.43 28.00
N THR B 178 -6.57 -12.29 27.97
CA THR B 178 -5.19 -12.21 28.40
C THR B 178 -5.04 -11.27 29.56
N LEU B 179 -4.48 -11.80 30.63
CA LEU B 179 -4.15 -11.07 31.83
C LEU B 179 -2.69 -10.64 31.77
N THR B 180 -2.42 -9.35 31.91
CA THR B 180 -1.06 -8.83 31.79
C THR B 180 -0.54 -8.37 33.14
N LEU B 181 0.57 -8.95 33.58
CA LEU B 181 1.21 -8.58 34.84
C LEU B 181 2.68 -8.28 34.57
N SER B 182 3.30 -7.49 35.44
CA SER B 182 4.75 -7.38 35.38
C SER B 182 5.35 -8.71 35.81
N LYS B 183 6.57 -9.01 35.36
CA LYS B 183 7.33 -10.15 35.90
C LYS B 183 7.31 -10.14 37.42
N ALA B 184 7.58 -8.97 38.01
CA ALA B 184 7.71 -8.86 39.47
C ALA B 184 6.41 -9.25 40.16
N ASP B 185 5.28 -8.78 39.65
CA ASP B 185 3.99 -9.09 40.28
C ASP B 185 3.60 -10.55 40.06
N TYR B 186 3.87 -11.07 38.87
CA TYR B 186 3.58 -12.48 38.57
C TYR B 186 4.26 -13.41 39.56
N GLU B 187 5.52 -13.08 39.86
CA GLU B 187 6.34 -13.92 40.72
C GLU B 187 6.09 -13.67 42.22
N LYS B 188 5.28 -12.67 42.53
CA LYS B 188 4.93 -12.40 43.94
C LYS B 188 3.65 -13.15 44.34
N HIS B 189 2.98 -13.76 43.38
CA HIS B 189 1.69 -14.41 43.64
C HIS B 189 1.71 -15.84 43.12
N LYS B 190 0.78 -16.65 43.61
CA LYS B 190 0.81 -18.09 43.42
C LYS B 190 -0.34 -18.66 42.59
N VAL B 191 -1.57 -18.30 42.94
CA VAL B 191 -2.72 -18.96 42.31
C VAL B 191 -3.33 -18.09 41.23
N TYR B 192 -3.31 -18.58 39.99
CA TYR B 192 -3.88 -17.82 38.87
C TYR B 192 -5.14 -18.51 38.35
N ALA B 193 -6.26 -17.81 38.37
CA ALA B 193 -7.55 -18.45 38.09
C ALA B 193 -8.38 -17.65 37.10
N CYS B 194 -8.94 -18.39 36.16
CA CYS B 194 -9.85 -17.93 35.15
C CYS B 194 -11.22 -18.52 35.43
N GLU B 195 -12.20 -17.68 35.79
CA GLU B 195 -13.54 -18.17 36.09
C GLU B 195 -14.48 -17.73 34.99
N VAL B 196 -15.25 -18.69 34.48
CA VAL B 196 -16.03 -18.51 33.27
C VAL B 196 -17.48 -18.74 33.57
N THR B 197 -18.29 -17.75 33.17
CA THR B 197 -19.72 -17.86 33.32
C THR B 197 -20.34 -17.94 31.94
N HIS B 198 -21.20 -18.93 31.72
CA HIS B 198 -21.85 -19.15 30.43
C HIS B 198 -23.14 -19.90 30.64
N GLN B 199 -24.15 -19.57 29.87
CA GLN B 199 -25.47 -20.15 30.09
C GLN B 199 -25.48 -21.67 29.84
N GLY B 200 -24.45 -22.19 29.19
CA GLY B 200 -24.32 -23.63 29.01
C GLY B 200 -23.68 -24.32 30.21
N LEU B 201 -23.30 -23.54 31.22
CA LEU B 201 -22.74 -24.07 32.46
C LEU B 201 -23.72 -23.83 33.59
N SER B 202 -24.09 -24.90 34.31
CA SER B 202 -25.01 -24.76 35.44
C SER B 202 -24.44 -23.87 36.54
N SER B 203 -23.13 -23.94 36.76
CA SER B 203 -22.44 -22.98 37.63
C SER B 203 -21.12 -22.60 36.95
N PRO B 204 -20.52 -21.47 37.34
CA PRO B 204 -19.28 -21.04 36.67
C PRO B 204 -18.16 -22.05 36.83
N VAL B 205 -17.36 -22.25 35.78
CA VAL B 205 -16.22 -23.15 35.82
C VAL B 205 -14.93 -22.36 36.04
N THR B 206 -14.08 -22.86 36.94
CA THR B 206 -12.79 -22.22 37.15
C THR B 206 -11.64 -23.12 36.73
N LYS B 207 -10.76 -22.60 35.89
CA LYS B 207 -9.49 -23.25 35.58
C LYS B 207 -8.35 -22.43 36.21
N SER B 208 -7.44 -23.11 36.87
CA SER B 208 -6.37 -22.43 37.59
C SER B 208 -5.07 -23.20 37.51
N PHE B 209 -3.97 -22.52 37.83
CA PHE B 209 -2.71 -23.20 38.08
C PHE B 209 -1.98 -22.49 39.21
N ASN B 210 -1.09 -23.22 39.88
CA ASN B 210 -0.18 -22.66 40.86
C ASN B 210 1.17 -22.40 40.21
N ARG B 211 1.66 -21.17 40.29
CA ARG B 211 2.90 -20.83 39.61
C ARG B 211 4.02 -21.79 40.06
N GLY B 212 4.72 -22.40 39.11
CA GLY B 212 5.81 -23.27 39.47
C GLY B 212 5.51 -24.77 39.41
N GLU B 213 4.24 -25.15 39.42
CA GLU B 213 3.88 -26.57 39.33
C GLU B 213 4.02 -27.10 37.90
N ALA B 214 4.27 -28.41 37.78
CA ALA B 214 4.43 -29.04 36.47
C ALA B 214 3.15 -28.97 35.66
N GLN C 1 -19.21 -2.19 -15.66
CA GLN C 1 -18.02 -2.42 -14.87
C GLN C 1 -17.53 -1.10 -14.21
N VAL C 2 -18.06 -0.78 -13.03
CA VAL C 2 -17.78 0.49 -12.38
C VAL C 2 -16.97 0.29 -11.10
N GLN C 3 -15.89 1.06 -10.94
CA GLN C 3 -14.99 0.93 -9.80
C GLN C 3 -14.68 2.29 -9.12
N LEU C 4 -14.70 2.32 -7.80
CA LEU C 4 -14.13 3.44 -7.06
C LEU C 4 -12.83 2.96 -6.43
N GLN C 5 -11.70 3.41 -6.97
CA GLN C 5 -10.39 2.92 -6.53
C GLN C 5 -9.80 3.83 -5.46
N GLN C 6 -9.74 3.34 -4.23
CA GLN C 6 -9.18 4.12 -3.15
C GLN C 6 -7.69 3.89 -2.98
N SER C 7 -6.99 4.93 -2.55
CA SER C 7 -5.56 4.86 -2.32
C SER C 7 -5.19 5.93 -1.32
N GLY C 8 -3.95 5.87 -0.85
CA GLY C 8 -3.51 6.74 0.22
C GLY C 8 -3.73 6.01 1.53
N GLY C 9 -3.72 6.78 2.60
CA GLY C 9 -3.95 6.22 3.91
C GLY C 9 -2.70 5.58 4.46
N GLY C 10 -2.88 4.61 5.35
CA GLY C 10 -1.74 3.93 5.94
C GLY C 10 -1.39 4.57 7.27
N LEU C 11 -0.11 4.55 7.62
CA LEU C 11 0.32 4.99 8.94
C LEU C 11 0.48 6.49 8.99
N VAL C 12 0.03 7.09 10.09
CA VAL C 12 0.26 8.53 10.31
C VAL C 12 0.38 8.80 11.82
N GLN C 13 1.27 9.71 12.23
CA GLN C 13 1.37 10.03 13.66
C GLN C 13 0.27 10.99 14.09
N PRO C 14 -0.11 10.93 15.38
CA PRO C 14 -1.08 11.88 15.94
C PRO C 14 -0.65 13.32 15.63
N GLY C 15 -1.60 14.17 15.24
CA GLY C 15 -1.32 15.53 14.84
C GLY C 15 -1.00 15.63 13.36
N GLY C 16 -0.76 14.48 12.73
CA GLY C 16 -0.37 14.42 11.33
C GLY C 16 -1.47 14.67 10.33
N SER C 17 -1.09 14.63 9.05
CA SER C 17 -2.01 14.85 7.94
C SER C 17 -1.89 13.75 6.89
N LEU C 18 -3.02 13.43 6.26
CA LEU C 18 -3.10 12.44 5.20
C LEU C 18 -4.14 12.89 4.21
N LYS C 19 -3.90 12.65 2.92
CA LYS C 19 -4.94 12.90 1.92
C LYS C 19 -5.34 11.61 1.20
N LEU C 20 -6.60 11.19 1.36
CA LEU C 20 -7.11 9.98 0.71
C LEU C 20 -7.66 10.29 -0.67
N SER C 21 -7.49 9.35 -1.61
CA SER C 21 -8.01 9.53 -2.96
C SER C 21 -8.99 8.42 -3.27
N CYS C 22 -9.92 8.73 -4.14
CA CYS C 22 -10.99 7.82 -4.52
C CYS C 22 -11.25 8.04 -5.99
N ALA C 23 -10.60 7.24 -6.83
CA ALA C 23 -10.60 7.48 -8.27
C ALA C 23 -11.63 6.60 -8.93
N ALA C 24 -12.68 7.23 -9.48
CA ALA C 24 -13.79 6.51 -10.12
C ALA C 24 -13.47 6.18 -11.56
N SER C 25 -14.01 5.07 -12.05
CA SER C 25 -13.95 4.75 -13.48
C SER C 25 -15.15 3.88 -13.88
N GLY C 26 -15.44 3.87 -15.18
CA GLY C 26 -16.50 3.02 -15.71
C GLY C 26 -17.71 3.86 -16.06
N ILE C 27 -17.91 4.93 -15.30
CA ILE C 27 -18.88 5.99 -15.65
C ILE C 27 -18.33 7.29 -15.12
N ASP C 28 -18.87 8.40 -15.60
CA ASP C 28 -18.51 9.72 -15.07
C ASP C 28 -19.38 10.02 -13.87
N PHE C 29 -18.78 10.36 -12.74
CA PHE C 29 -19.54 10.67 -11.53
C PHE C 29 -19.78 12.19 -11.33
N SER C 30 -19.31 12.98 -12.30
CA SER C 30 -19.33 14.44 -12.18
C SER C 30 -20.69 15.08 -11.96
N ARG C 31 -21.76 14.36 -12.28
CA ARG C 31 -23.10 14.90 -12.09
C ARG C 31 -23.73 14.45 -10.79
N TYR C 32 -23.00 13.62 -10.05
CA TYR C 32 -23.52 13.00 -8.84
C TYR C 32 -22.81 13.53 -7.59
N TRP C 33 -23.50 13.53 -6.46
CA TRP C 33 -22.87 13.77 -5.19
C TRP C 33 -21.98 12.59 -4.76
N MET C 34 -20.89 12.87 -4.07
CA MET C 34 -20.04 11.80 -3.57
C MET C 34 -19.86 11.96 -2.06
N SER C 35 -19.69 10.85 -1.36
CA SER C 35 -19.69 10.85 0.11
C SER C 35 -18.51 10.12 0.69
N TRP C 36 -18.23 10.41 1.95
CA TRP C 36 -17.24 9.69 2.75
C TRP C 36 -17.90 9.16 4.00
N VAL C 37 -17.64 7.89 4.31
CA VAL C 37 -18.10 7.27 5.54
C VAL C 37 -16.88 6.57 6.14
N ARG C 38 -16.88 6.30 7.44
CA ARG C 38 -15.80 5.52 8.00
C ARG C 38 -16.31 4.54 9.02
N ARG C 39 -15.47 3.57 9.32
CA ARG C 39 -15.80 2.70 10.42
C ARG C 39 -14.55 2.36 11.23
N ALA C 40 -14.55 2.83 12.48
CA ALA C 40 -13.44 2.62 13.40
C ALA C 40 -13.62 1.27 14.11
N PRO C 41 -12.50 0.63 14.50
CA PRO C 41 -12.56 -0.66 15.20
C PRO C 41 -13.50 -0.62 16.39
N GLY C 42 -14.38 -1.62 16.51
CA GLY C 42 -15.32 -1.64 17.62
C GLY C 42 -16.45 -0.63 17.54
N LYS C 43 -16.52 0.15 16.45
CA LYS C 43 -17.62 1.10 16.28
C LYS C 43 -18.44 0.74 15.04
N GLY C 44 -19.56 1.45 14.85
CA GLY C 44 -20.34 1.31 13.64
C GLY C 44 -20.02 2.36 12.59
N LEU C 45 -20.79 2.37 11.51
CA LEU C 45 -20.59 3.32 10.43
C LEU C 45 -20.74 4.74 10.96
N GLU C 46 -19.90 5.63 10.48
CA GLU C 46 -20.00 7.06 10.82
C GLU C 46 -19.92 7.89 9.56
N TRP C 47 -20.91 8.76 9.36
CA TRP C 47 -20.95 9.62 8.18
C TRP C 47 -19.95 10.78 8.35
N ILE C 48 -19.15 11.05 7.34
CA ILE C 48 -18.16 12.12 7.42
C ILE C 48 -18.64 13.36 6.67
N GLY C 49 -19.08 13.18 5.43
CA GLY C 49 -19.70 14.27 4.69
C GLY C 49 -19.92 13.92 3.23
N GLU C 50 -20.39 14.89 2.47
CA GLU C 50 -20.67 14.70 1.06
C GLU C 50 -20.35 15.99 0.30
N ILE C 51 -20.14 15.88 -1.00
CA ILE C 51 -19.86 17.03 -1.83
C ILE C 51 -20.72 16.96 -3.09
N ASN C 52 -21.25 18.11 -3.52
CA ASN C 52 -22.14 18.16 -4.68
C ASN C 52 -21.31 18.25 -5.98
N PRO C 53 -21.97 18.17 -7.14
CA PRO C 53 -21.20 18.09 -8.40
C PRO C 53 -20.22 19.23 -8.66
N ASP C 54 -20.59 20.48 -8.39
CA ASP C 54 -19.69 21.59 -8.69
C ASP C 54 -18.94 22.08 -7.44
N SER C 55 -18.97 21.30 -6.37
CA SER C 55 -18.25 21.59 -5.12
C SER C 55 -18.71 22.88 -4.40
N SER C 56 -19.87 23.42 -4.76
CA SER C 56 -20.39 24.62 -4.10
C SER C 56 -21.10 24.28 -2.79
N THR C 57 -21.41 23.00 -2.59
CA THR C 57 -21.99 22.55 -1.34
C THR C 57 -21.22 21.37 -0.78
N ILE C 58 -20.68 21.54 0.42
CA ILE C 58 -20.00 20.46 1.11
C ILE C 58 -20.61 20.35 2.51
N ASN C 59 -21.23 19.22 2.81
CA ASN C 59 -21.93 19.04 4.07
C ASN C 59 -21.11 18.11 4.90
N TYR C 60 -20.83 18.51 6.15
CA TYR C 60 -20.00 17.74 7.07
C TYR C 60 -20.72 17.31 8.34
N ALA C 61 -20.26 16.21 8.93
CA ALA C 61 -20.42 15.96 10.36
C ALA C 61 -19.75 17.10 11.10
N PRO C 62 -20.52 17.90 11.89
CA PRO C 62 -19.93 19.08 12.53
C PRO C 62 -18.70 18.78 13.37
N SER C 63 -18.67 17.65 14.05
CA SER C 63 -17.55 17.33 14.93
C SER C 63 -16.27 17.00 14.16
N LEU C 64 -16.41 16.68 12.88
CA LEU C 64 -15.28 16.26 12.07
C LEU C 64 -14.80 17.38 11.15
N LYS C 65 -15.61 18.42 11.03
CA LYS C 65 -15.34 19.50 10.08
C LYS C 65 -13.99 20.21 10.34
N ASP C 66 -13.52 20.19 11.58
CA ASP C 66 -12.23 20.85 11.89
C ASP C 66 -11.03 20.07 11.35
N LYS C 67 -11.21 18.77 11.14
CA LYS C 67 -10.10 17.90 10.81
C LYS C 67 -10.17 17.36 9.39
N PHE C 68 -11.34 17.47 8.76
CA PHE C 68 -11.55 16.82 7.47
C PHE C 68 -11.97 17.81 6.39
N ILE C 69 -11.28 17.80 5.26
CA ILE C 69 -11.75 18.59 4.11
C ILE C 69 -12.08 17.70 2.93
N ILE C 70 -13.31 17.79 2.44
CA ILE C 70 -13.70 17.04 1.25
C ILE C 70 -13.53 17.88 -0.01
N SER C 71 -12.98 17.29 -1.06
CA SER C 71 -12.88 17.98 -2.33
C SER C 71 -13.03 16.97 -3.45
N ARG C 72 -13.15 17.45 -4.67
CA ARG C 72 -13.22 16.53 -5.81
C ARG C 72 -12.57 17.19 -7.01
N ASP C 73 -12.07 16.37 -7.92
CA ASP C 73 -11.57 16.85 -9.21
C ASP C 73 -12.30 16.08 -10.30
N ASN C 74 -13.31 16.72 -10.88
CA ASN C 74 -14.15 16.08 -11.89
C ASN C 74 -13.43 15.72 -13.16
N ALA C 75 -12.40 16.49 -13.54
CA ALA C 75 -11.59 16.14 -14.73
C ALA C 75 -10.87 14.82 -14.55
N LYS C 76 -10.66 14.43 -13.29
CA LYS C 76 -10.01 13.16 -12.98
C LYS C 76 -10.98 12.14 -12.43
N ASN C 77 -12.26 12.52 -12.37
CA ASN C 77 -13.27 11.63 -11.79
C ASN C 77 -12.87 11.14 -10.40
N THR C 78 -12.24 12.02 -9.61
CA THR C 78 -11.65 11.62 -8.32
C THR C 78 -12.12 12.46 -7.14
N LEU C 79 -12.41 11.77 -6.06
CA LEU C 79 -12.88 12.37 -4.83
C LEU C 79 -11.76 12.31 -3.80
N TYR C 80 -11.62 13.35 -2.99
CA TYR C 80 -10.56 13.34 -1.99
C TYR C 80 -11.06 13.55 -0.57
N LEU C 81 -10.27 13.06 0.40
CA LEU C 81 -10.51 13.39 1.80
C LEU C 81 -9.18 13.81 2.42
N GLN C 82 -9.07 15.10 2.74
CA GLN C 82 -7.91 15.64 3.43
C GLN C 82 -8.08 15.58 4.95
N MET C 83 -7.26 14.77 5.59
CA MET C 83 -7.28 14.60 7.04
C MET C 83 -6.13 15.37 7.67
N SER C 84 -6.39 16.05 8.77
CA SER C 84 -5.33 16.74 9.51
C SER C 84 -5.62 16.68 11.01
N LYS C 85 -4.61 17.02 11.81
CA LYS C 85 -4.72 17.03 13.27
C LYS C 85 -5.33 15.71 13.77
N VAL C 86 -4.97 14.61 13.13
CA VAL C 86 -5.64 13.34 13.40
C VAL C 86 -5.26 12.80 14.79
N ARG C 87 -6.17 12.03 15.39
CA ARG C 87 -5.94 11.40 16.70
C ARG C 87 -6.20 9.91 16.65
N SER C 88 -5.97 9.23 17.78
CA SER C 88 -6.19 7.79 17.85
C SER C 88 -7.54 7.41 17.30
N GLU C 89 -8.56 8.17 17.68
CA GLU C 89 -9.94 7.89 17.29
C GLU C 89 -10.17 7.94 15.78
N ASP C 90 -9.24 8.50 15.02
CA ASP C 90 -9.44 8.57 13.57
C ASP C 90 -8.88 7.33 12.88
N THR C 91 -8.29 6.42 13.65
CA THR C 91 -7.91 5.11 13.16
C THR C 91 -9.16 4.37 12.72
N ALA C 92 -9.27 4.06 11.43
CA ALA C 92 -10.51 3.51 10.87
C ALA C 92 -10.33 3.09 9.44
N LEU C 93 -11.34 2.41 8.94
CA LEU C 93 -11.47 2.17 7.51
CA LEU C 93 -11.48 2.16 7.51
C LEU C 93 -12.35 3.28 6.95
N TYR C 94 -11.83 3.97 5.94
CA TYR C 94 -12.52 5.09 5.30
C TYR C 94 -13.06 4.62 3.95
N TYR C 95 -14.36 4.82 3.70
CA TYR C 95 -14.96 4.40 2.42
C TYR C 95 -15.52 5.59 1.68
N CYS C 96 -15.22 5.71 0.38
CA CYS C 96 -15.91 6.67 -0.46
C CYS C 96 -17.12 5.97 -1.09
N ALA C 97 -18.09 6.77 -1.51
CA ALA C 97 -19.34 6.27 -2.05
C ALA C 97 -19.99 7.32 -2.94
N SER C 98 -20.88 6.87 -3.81
CA SER C 98 -21.79 7.78 -4.49
C SER C 98 -23.16 7.15 -4.56
N LEU C 99 -24.15 7.88 -4.06
CA LEU C 99 -25.54 7.44 -4.11
C LEU C 99 -26.28 8.40 -5.05
N TYR C 100 -27.02 7.88 -6.02
CA TYR C 100 -27.66 8.77 -6.97
C TYR C 100 -28.83 8.09 -7.62
N TYR C 101 -29.52 8.83 -8.46
CA TYR C 101 -30.69 8.30 -9.13
C TYR C 101 -30.55 8.55 -10.62
N ASP C 102 -30.76 7.52 -11.42
CA ASP C 102 -30.55 7.62 -12.87
C ASP C 102 -31.21 6.46 -13.57
N TYR C 103 -31.81 6.73 -14.73
CA TYR C 103 -32.56 5.75 -15.49
C TYR C 103 -33.52 4.95 -14.61
N GLY C 104 -34.29 5.67 -13.80
CA GLY C 104 -35.30 5.07 -12.96
C GLY C 104 -34.78 4.18 -11.85
N ASP C 105 -33.48 4.19 -11.60
CA ASP C 105 -32.89 3.33 -10.58
C ASP C 105 -32.12 4.13 -9.55
N ALA C 106 -32.26 3.75 -8.28
CA ALA C 106 -31.37 4.24 -7.24
C ALA C 106 -30.04 3.45 -7.24
N MET C 107 -28.91 4.14 -7.35
CA MET C 107 -27.64 3.46 -7.51
C MET C 107 -26.70 3.76 -6.36
N ASP C 108 -25.85 2.79 -6.02
CA ASP C 108 -24.83 3.00 -5.01
C ASP C 108 -23.53 2.34 -5.46
N TYR C 109 -22.43 3.08 -5.40
CA TYR C 109 -21.09 2.51 -5.62
C TYR C 109 -20.21 2.92 -4.45
N TRP C 110 -19.27 2.04 -4.12
CA TRP C 110 -18.44 2.19 -2.94
C TRP C 110 -17.00 1.84 -3.27
N GLY C 111 -16.07 2.58 -2.69
CA GLY C 111 -14.67 2.22 -2.78
C GLY C 111 -14.43 0.97 -1.95
N GLN C 112 -13.25 0.38 -2.08
CA GLN C 112 -12.95 -0.85 -1.35
C GLN C 112 -12.47 -0.53 0.08
N GLY C 113 -12.31 0.76 0.36
CA GLY C 113 -11.92 1.22 1.69
C GLY C 113 -10.43 1.48 1.83
N THR C 114 -10.02 2.48 2.60
CA THR C 114 -8.62 2.52 2.97
C THR C 114 -8.45 2.64 4.47
N SER C 115 -7.54 1.82 4.95
CA SER C 115 -7.13 1.81 6.34
C SER C 115 -6.24 2.99 6.65
N VAL C 116 -6.59 3.70 7.72
CA VAL C 116 -5.73 4.72 8.31
C VAL C 116 -5.44 4.29 9.75
N THR C 117 -4.16 4.25 10.11
CA THR C 117 -3.76 3.95 11.48
C THR C 117 -3.02 5.13 12.07
N VAL C 118 -3.63 5.75 13.07
CA VAL C 118 -3.03 6.91 13.72
C VAL C 118 -2.32 6.46 14.98
N SER C 119 -0.99 6.58 15.00
CA SER C 119 -0.20 6.03 16.10
C SER C 119 1.21 6.58 16.13
N SER C 120 1.78 6.65 17.35
CA SER C 120 3.16 7.02 17.60
C SER C 120 4.10 5.84 17.51
N ALA C 121 3.53 4.64 17.51
CA ALA C 121 4.32 3.41 17.56
C ALA C 121 5.23 3.24 16.34
N SER C 122 6.39 2.64 16.53
CA SER C 122 7.28 2.31 15.42
C SER C 122 7.00 0.91 14.96
N THR C 123 7.19 0.65 13.68
CA THR C 123 7.01 -0.69 13.13
C THR C 123 7.89 -1.67 13.88
N LYS C 124 7.32 -2.81 14.26
CA LYS C 124 8.00 -3.81 15.09
C LYS C 124 7.37 -5.19 14.87
N GLY C 125 8.22 -6.18 14.58
CA GLY C 125 7.73 -7.55 14.39
C GLY C 125 7.39 -8.16 15.73
N PRO C 126 6.52 -9.17 15.73
CA PRO C 126 6.07 -9.74 17.02
C PRO C 126 7.12 -10.58 17.72
N SER C 127 7.02 -10.67 19.04
CA SER C 127 7.63 -11.79 19.76
C SER C 127 6.60 -12.93 19.81
N VAL C 128 7.04 -14.15 19.57
CA VAL C 128 6.09 -15.26 19.59
C VAL C 128 6.40 -16.23 20.73
N PHE C 129 5.40 -16.45 21.60
CA PHE C 129 5.57 -17.30 22.76
C PHE C 129 4.64 -18.53 22.70
N PRO C 130 5.15 -19.67 23.17
CA PRO C 130 4.32 -20.87 23.19
C PRO C 130 3.19 -20.76 24.22
N LEU C 131 2.03 -21.29 23.85
CA LEU C 131 0.99 -21.60 24.82
C LEU C 131 0.98 -23.11 24.93
N ALA C 132 1.73 -23.63 25.89
CA ALA C 132 1.99 -25.07 25.92
C ALA C 132 0.77 -25.82 26.39
N PRO C 133 0.51 -26.98 25.77
CA PRO C 133 -0.62 -27.80 26.19
C PRO C 133 -0.42 -28.27 27.63
N SER C 134 -1.45 -28.11 28.45
CA SER C 134 -1.39 -28.49 29.86
C SER C 134 -1.12 -29.98 30.03
N SER C 135 -0.51 -30.33 31.16
CA SER C 135 -0.32 -31.73 31.50
C SER C 135 -1.40 -32.22 32.48
N GLY C 141 -10.32 -36.34 26.05
CA GLY C 141 -9.01 -36.49 25.47
C GLY C 141 -8.74 -35.43 24.42
N THR C 142 -9.08 -34.18 24.71
CA THR C 142 -8.76 -33.05 23.82
C THR C 142 -7.86 -32.04 24.52
N ALA C 143 -6.76 -31.67 23.88
CA ALA C 143 -5.81 -30.72 24.43
C ALA C 143 -5.84 -29.41 23.64
N ALA C 144 -5.52 -28.30 24.28
CA ALA C 144 -5.43 -27.04 23.54
C ALA C 144 -4.03 -26.48 23.65
N LEU C 145 -3.51 -25.93 22.57
CA LEU C 145 -2.19 -25.32 22.58
C LEU C 145 -2.19 -24.14 21.62
N GLY C 146 -1.15 -23.33 21.64
CA GLY C 146 -1.13 -22.23 20.72
C GLY C 146 0.11 -21.37 20.76
N CYS C 147 -0.02 -20.19 20.18
CA CYS C 147 1.05 -19.20 20.14
C CYS C 147 0.47 -17.83 20.47
N LEU C 148 1.14 -17.16 21.39
CA LEU C 148 0.90 -15.77 21.77
C LEU C 148 1.80 -14.90 20.92
N VAL C 149 1.17 -14.05 20.10
CA VAL C 149 1.84 -13.21 19.10
C VAL C 149 1.78 -11.79 19.61
N LYS C 150 2.79 -11.41 20.37
CA LYS C 150 2.71 -10.22 21.19
C LYS C 150 3.60 -9.06 20.70
N ASP C 151 3.09 -7.85 20.89
CA ASP C 151 3.85 -6.62 20.75
C ASP C 151 4.36 -6.37 19.33
N TYR C 152 3.44 -6.31 18.38
CA TYR C 152 3.81 -5.93 17.04
C TYR C 152 3.04 -4.69 16.57
N PHE C 153 3.56 -4.05 15.54
CA PHE C 153 2.90 -2.90 14.93
C PHE C 153 3.45 -2.71 13.50
N PRO C 154 2.59 -2.34 12.53
CA PRO C 154 1.12 -2.24 12.60
C PRO C 154 0.49 -3.60 12.30
N GLU C 155 -0.83 -3.62 12.16
CA GLU C 155 -1.51 -4.79 11.63
C GLU C 155 -1.09 -4.96 10.16
N PRO C 156 -1.21 -6.18 9.60
CA PRO C 156 -1.65 -7.43 10.22
C PRO C 156 -0.51 -8.40 10.45
N VAL C 157 -0.79 -9.47 11.19
CA VAL C 157 0.04 -10.68 11.15
C VAL C 157 -0.78 -11.79 10.51
N THR C 158 -0.11 -12.75 9.88
CA THR C 158 -0.80 -13.99 9.53
C THR C 158 -0.25 -15.13 10.37
N VAL C 159 -1.08 -16.12 10.67
CA VAL C 159 -0.62 -17.26 11.44
C VAL C 159 -1.10 -18.54 10.78
N SER C 160 -0.17 -19.44 10.50
CA SER C 160 -0.54 -20.77 10.03
C SER C 160 0.01 -21.78 11.01
N TRP C 161 -0.44 -23.03 10.91
CA TRP C 161 0.09 -24.08 11.74
C TRP C 161 0.65 -25.18 10.86
N ASN C 162 1.84 -25.65 11.24
CA ASN C 162 2.52 -26.69 10.47
C ASN C 162 2.52 -26.38 8.98
N SER C 163 2.85 -25.13 8.68
CA SER C 163 2.96 -24.63 7.31
C SER C 163 1.67 -24.83 6.51
N GLY C 164 0.54 -24.72 7.18
CA GLY C 164 -0.75 -24.77 6.49
C GLY C 164 -1.39 -26.14 6.46
N ALA C 165 -0.69 -27.16 6.95
CA ALA C 165 -1.22 -28.53 6.94
C ALA C 165 -2.22 -28.73 8.07
N LEU C 166 -2.09 -27.91 9.11
CA LEU C 166 -3.02 -28.00 10.24
C LEU C 166 -3.98 -26.80 10.17
N THR C 167 -5.25 -27.07 9.82
CA THR C 167 -6.24 -26.01 9.76
C THR C 167 -7.43 -26.34 10.68
N SER C 168 -7.63 -27.62 10.95
CA SER C 168 -8.79 -28.05 11.72
C SER C 168 -8.62 -27.70 13.19
N GLY C 169 -9.63 -27.04 13.77
CA GLY C 169 -9.62 -26.72 15.19
C GLY C 169 -8.80 -25.50 15.52
N VAL C 170 -8.32 -24.78 14.50
CA VAL C 170 -7.52 -23.58 14.72
C VAL C 170 -8.42 -22.38 14.93
N HIS C 171 -8.12 -21.57 15.94
CA HIS C 171 -8.76 -20.27 16.10
C HIS C 171 -7.68 -19.22 16.22
N THR C 172 -7.58 -18.36 15.22
CA THR C 172 -6.67 -17.22 15.34
C THR C 172 -7.52 -16.00 15.67
N PHE C 173 -7.30 -15.45 16.85
CA PHE C 173 -8.14 -14.38 17.36
C PHE C 173 -7.83 -13.03 16.76
N PRO C 174 -8.85 -12.16 16.69
CA PRO C 174 -8.65 -10.73 16.40
C PRO C 174 -7.63 -10.14 17.35
N ALA C 175 -6.70 -9.36 16.83
CA ALA C 175 -5.73 -8.70 17.67
C ALA C 175 -6.39 -7.69 18.58
N VAL C 176 -5.74 -7.40 19.70
N VAL C 176 -5.77 -7.44 19.72
CA VAL C 176 -6.22 -6.36 20.60
CA VAL C 176 -6.20 -6.34 20.54
C VAL C 176 -5.13 -5.32 20.82
C VAL C 176 -5.10 -5.31 20.50
N LEU C 177 -5.48 -4.05 20.64
CA LEU C 177 -4.50 -2.97 20.75
C LEU C 177 -4.22 -2.74 22.22
N GLN C 178 -2.97 -2.93 22.62
CA GLN C 178 -2.60 -2.79 24.03
C GLN C 178 -2.33 -1.33 24.35
N SER C 179 -2.25 -1.03 25.64
CA SER C 179 -2.09 0.37 26.06
C SER C 179 -0.72 0.91 25.67
N SER C 180 0.17 0.00 25.26
CA SER C 180 1.50 0.36 24.76
C SER C 180 1.46 0.89 23.33
N GLY C 181 0.31 0.71 22.67
CA GLY C 181 0.22 1.07 21.26
C GLY C 181 0.63 -0.08 20.37
N LEU C 182 0.96 -1.24 20.96
CA LEU C 182 1.31 -2.42 20.16
C LEU C 182 0.16 -3.42 20.17
N TYR C 183 0.06 -4.21 19.11
CA TYR C 183 -0.96 -5.25 18.99
C TYR C 183 -0.51 -6.58 19.59
N SER C 184 -1.48 -7.39 19.95
CA SER C 184 -1.20 -8.71 20.44
C SER C 184 -2.37 -9.61 20.08
N LEU C 185 -2.07 -10.85 19.75
CA LEU C 185 -3.13 -11.82 19.49
C LEU C 185 -2.66 -13.20 19.85
N SER C 186 -3.62 -14.11 20.01
N SER C 186 -3.63 -14.10 19.97
CA SER C 186 -3.34 -15.52 20.20
CA SER C 186 -3.35 -15.51 20.19
C SER C 186 -3.92 -16.33 19.06
C SER C 186 -3.91 -16.34 19.05
N SER C 187 -3.24 -17.44 18.74
CA SER C 187 -3.75 -18.41 17.78
C SER C 187 -3.67 -19.75 18.49
N VAL C 188 -4.79 -20.46 18.54
CA VAL C 188 -4.86 -21.68 19.34
C VAL C 188 -5.39 -22.78 18.45
N VAL C 189 -5.15 -24.02 18.86
CA VAL C 189 -5.66 -25.17 18.13
C VAL C 189 -5.95 -26.26 19.15
N THR C 190 -7.10 -26.90 19.01
CA THR C 190 -7.37 -28.06 19.86
C THR C 190 -7.01 -29.31 19.09
N VAL C 191 -6.31 -30.22 19.75
CA VAL C 191 -5.82 -31.45 19.13
C VAL C 191 -6.07 -32.62 20.08
N PRO C 192 -5.98 -33.88 19.57
CA PRO C 192 -6.15 -35.02 20.48
C PRO C 192 -5.07 -35.05 21.55
N SER C 193 -5.44 -35.34 22.79
CA SER C 193 -4.46 -35.42 23.87
C SER C 193 -3.38 -36.45 23.58
N SER C 194 -3.79 -37.59 23.02
CA SER C 194 -2.87 -38.69 22.73
C SER C 194 -1.85 -38.31 21.65
N SER C 195 -2.03 -37.18 21.01
CA SER C 195 -1.09 -36.78 19.99
C SER C 195 0.03 -35.87 20.55
N LEU C 196 -0.14 -35.36 21.77
CA LEU C 196 0.81 -34.40 22.36
C LEU C 196 2.23 -34.94 22.37
N GLY C 197 2.37 -36.24 22.62
CA GLY C 197 3.68 -36.84 22.69
C GLY C 197 4.29 -37.24 21.35
N THR C 198 3.55 -37.09 20.27
CA THR C 198 4.00 -37.65 19.01
C THR C 198 3.95 -36.73 17.79
N GLN C 199 3.11 -35.70 17.87
CA GLN C 199 2.89 -34.83 16.73
C GLN C 199 3.51 -33.45 16.95
N THR C 200 4.35 -33.02 16.01
CA THR C 200 4.95 -31.70 16.06
C THR C 200 3.95 -30.60 15.75
N TYR C 201 3.91 -29.57 16.59
CA TYR C 201 3.06 -28.41 16.34
C TYR C 201 3.90 -27.14 16.26
N ILE C 202 3.86 -26.48 15.11
CA ILE C 202 4.63 -25.26 14.89
C ILE C 202 3.73 -24.15 14.38
N CYS C 203 3.73 -22.99 15.05
CA CYS C 203 3.01 -21.86 14.47
C CYS C 203 3.96 -21.04 13.61
N ASN C 204 3.47 -20.66 12.43
CA ASN C 204 4.23 -19.86 11.50
C ASN C 204 3.63 -18.47 11.45
N VAL C 205 4.38 -17.50 11.95
CA VAL C 205 3.88 -16.14 12.11
C VAL C 205 4.60 -15.21 11.15
N ASN C 206 3.83 -14.53 10.32
CA ASN C 206 4.38 -13.65 9.31
C ASN C 206 3.97 -12.20 9.58
N HIS C 207 4.93 -11.29 9.58
CA HIS C 207 4.59 -9.89 9.74
C HIS C 207 5.26 -9.09 8.65
N LYS C 208 4.56 -8.95 7.52
CA LYS C 208 5.06 -8.24 6.34
C LYS C 208 5.63 -6.82 6.62
N PRO C 209 4.92 -5.99 7.41
CA PRO C 209 5.42 -4.62 7.60
C PRO C 209 6.85 -4.53 8.17
N SER C 210 7.25 -5.49 8.99
CA SER C 210 8.62 -5.51 9.56
C SER C 210 9.57 -6.42 8.78
N ASN C 211 9.00 -7.15 7.81
CA ASN C 211 9.72 -8.17 7.05
C ASN C 211 10.22 -9.28 7.97
N THR C 212 9.42 -9.64 8.97
CA THR C 212 9.83 -10.73 9.85
C THR C 212 8.89 -11.95 9.80
N LYS C 213 9.48 -13.10 10.09
CA LYS C 213 8.78 -14.39 10.11
C LYS C 213 9.28 -15.13 11.30
N VAL C 214 8.39 -15.76 12.04
CA VAL C 214 8.80 -16.54 13.19
C VAL C 214 8.10 -17.88 13.11
N ASP C 215 8.86 -18.94 13.34
CA ASP C 215 8.31 -20.27 13.47
C ASP C 215 8.55 -20.71 14.90
N LYS C 216 7.48 -20.98 15.61
CA LYS C 216 7.61 -21.35 17.00
C LYS C 216 7.10 -22.74 17.22
N ARG C 217 7.99 -23.65 17.64
CA ARG C 217 7.56 -24.99 17.98
C ARG C 217 6.93 -24.97 19.37
N VAL C 218 5.75 -25.57 19.49
CA VAL C 218 4.98 -25.57 20.73
C VAL C 218 4.91 -26.98 21.28
N GLU C 219 5.48 -27.21 22.46
CA GLU C 219 5.50 -28.56 23.02
C GLU C 219 5.08 -28.59 24.49
N PRO C 220 4.69 -29.77 24.99
CA PRO C 220 4.43 -29.85 26.43
C PRO C 220 5.72 -29.63 27.22
N ALA C 221 5.60 -29.02 28.40
CA ALA C 221 6.79 -28.82 29.26
C ALA C 221 7.06 -30.04 30.14
N ASP D 1 19.99 -14.88 -27.65
CA ASP D 1 19.16 -13.73 -27.35
C ASP D 1 19.78 -12.51 -28.02
N ILE D 2 18.93 -11.72 -28.67
CA ILE D 2 19.40 -10.57 -29.42
C ILE D 2 19.82 -9.45 -28.47
N VAL D 3 21.03 -8.92 -28.69
CA VAL D 3 21.51 -7.78 -27.90
C VAL D 3 21.16 -6.50 -28.63
N MET D 4 20.50 -5.58 -27.94
CA MET D 4 20.19 -4.27 -28.51
C MET D 4 21.16 -3.26 -27.87
N THR D 5 22.04 -2.68 -28.68
CA THR D 5 23.08 -1.82 -28.13
C THR D 5 22.73 -0.33 -28.35
N GLN D 6 22.53 0.40 -27.26
CA GLN D 6 22.47 1.86 -27.28
C GLN D 6 23.85 2.35 -26.83
N SER D 7 24.66 2.80 -27.78
CA SER D 7 26.07 3.08 -27.49
C SER D 7 26.21 4.32 -26.61
N GLN D 8 25.17 5.14 -26.56
CA GLN D 8 25.24 6.37 -25.77
C GLN D 8 24.37 6.28 -24.54
N ARG D 9 25.01 6.04 -23.39
N ARG D 9 24.97 6.06 -23.38
CA ARG D 9 24.33 5.98 -22.11
CA ARG D 9 24.17 5.94 -22.17
C ARG D 9 23.66 7.31 -21.80
C ARG D 9 23.66 7.32 -21.73
N PHE D 10 24.38 8.38 -22.12
CA PHE D 10 23.90 9.74 -21.90
C PHE D 10 24.04 10.49 -23.18
N MET D 11 23.10 11.40 -23.43
CA MET D 11 23.26 12.33 -24.53
C MET D 11 23.00 13.74 -24.08
N THR D 12 23.85 14.63 -24.51
CA THR D 12 23.74 16.05 -24.14
C THR D 12 22.95 16.78 -25.23
N THR D 13 21.96 17.55 -24.83
CA THR D 13 21.14 18.26 -25.79
C THR D 13 20.68 19.61 -25.23
N SER D 14 19.83 20.30 -25.98
CA SER D 14 19.30 21.59 -25.56
C SER D 14 17.83 21.67 -25.96
N VAL D 15 17.02 22.39 -25.15
CA VAL D 15 15.62 22.58 -25.49
C VAL D 15 15.53 23.23 -26.86
N GLY D 16 14.66 22.72 -27.72
CA GLY D 16 14.53 23.25 -29.06
C GLY D 16 15.33 22.51 -30.12
N ASP D 17 16.31 21.72 -29.71
CA ASP D 17 17.17 21.04 -30.66
C ASP D 17 16.57 19.70 -31.12
N ARG D 18 17.18 19.13 -32.15
CA ARG D 18 16.83 17.81 -32.65
C ARG D 18 17.80 16.84 -31.99
N VAL D 19 17.28 15.71 -31.49
CA VAL D 19 18.12 14.68 -30.88
C VAL D 19 17.78 13.34 -31.49
N SER D 20 18.79 12.53 -31.80
CA SER D 20 18.58 11.17 -32.30
C SER D 20 19.28 10.15 -31.42
N VAL D 21 18.51 9.17 -30.96
CA VAL D 21 19.05 8.11 -30.14
C VAL D 21 19.25 6.87 -31.00
N THR D 22 20.46 6.32 -30.98
CA THR D 22 20.74 5.13 -31.78
C THR D 22 20.57 3.82 -31.00
N CYS D 23 20.38 2.75 -31.76
CA CYS D 23 20.19 1.43 -31.19
C CYS D 23 20.57 0.46 -32.28
N LYS D 24 21.47 -0.45 -31.96
CA LYS D 24 21.97 -1.39 -32.96
C LYS D 24 21.73 -2.84 -32.53
N ALA D 25 20.99 -3.59 -33.35
CA ALA D 25 20.69 -4.98 -33.04
C ALA D 25 21.87 -5.89 -33.43
N SER D 26 22.16 -6.89 -32.59
CA SER D 26 23.27 -7.80 -32.80
C SER D 26 23.04 -8.72 -34.01
N GLN D 27 21.79 -8.82 -34.46
CA GLN D 27 21.48 -9.58 -35.67
C GLN D 27 20.23 -8.95 -36.27
N SER D 28 19.87 -9.29 -37.50
CA SER D 28 18.76 -8.57 -38.13
C SER D 28 17.44 -8.79 -37.38
N VAL D 29 16.68 -7.71 -37.20
CA VAL D 29 15.37 -7.78 -36.56
C VAL D 29 14.26 -7.19 -37.45
N ASP D 30 14.53 -7.10 -38.75
CA ASP D 30 13.63 -6.48 -39.71
C ASP D 30 13.13 -5.13 -39.17
N SER D 31 11.82 -4.93 -39.10
CA SER D 31 11.31 -3.70 -38.49
C SER D 31 10.63 -3.92 -37.15
N ASN D 32 10.95 -5.03 -36.49
CA ASN D 32 10.31 -5.39 -35.22
C ASN D 32 11.02 -4.76 -34.04
N VAL D 33 10.90 -3.44 -33.95
CA VAL D 33 11.57 -2.63 -32.93
C VAL D 33 10.61 -1.62 -32.35
N ALA D 34 10.66 -1.49 -31.02
CA ALA D 34 9.83 -0.55 -30.29
C ALA D 34 10.76 0.40 -29.54
N TRP D 35 10.25 1.59 -29.21
CA TRP D 35 10.95 2.53 -28.35
C TRP D 35 10.05 2.90 -27.20
N TYR D 36 10.66 3.03 -26.03
CA TYR D 36 9.95 3.41 -24.83
C TYR D 36 10.61 4.59 -24.15
N GLN D 37 9.81 5.34 -23.42
CA GLN D 37 10.30 6.44 -22.59
C GLN D 37 10.10 6.07 -21.12
N GLN D 38 11.05 6.40 -20.26
CA GLN D 38 10.77 6.34 -18.83
C GLN D 38 11.43 7.47 -18.06
N LYS D 39 10.64 8.08 -17.20
CA LYS D 39 11.12 9.07 -16.27
C LYS D 39 11.29 8.44 -14.88
N PRO D 40 12.12 9.06 -14.02
CA PRO D 40 12.21 8.57 -12.63
C PRO D 40 10.85 8.58 -11.93
N ARG D 41 10.57 7.53 -11.16
CA ARG D 41 9.33 7.42 -10.39
C ARG D 41 8.07 7.42 -11.27
N GLN D 42 8.21 7.08 -12.54
CA GLN D 42 7.04 6.94 -13.40
C GLN D 42 7.08 5.61 -14.18
N SER D 43 5.91 5.15 -14.58
CA SER D 43 5.83 3.96 -15.43
C SER D 43 6.40 4.24 -16.79
N PRO D 44 6.88 3.19 -17.47
CA PRO D 44 7.37 3.47 -18.82
C PRO D 44 6.21 3.89 -19.71
N LYS D 45 6.53 4.45 -20.86
CA LYS D 45 5.54 4.85 -21.86
C LYS D 45 6.00 4.34 -23.20
N ALA D 46 5.13 3.67 -23.97
CA ALA D 46 5.54 3.20 -25.30
C ALA D 46 5.46 4.34 -26.30
N LEU D 47 6.49 4.49 -27.14
CA LEU D 47 6.52 5.58 -28.10
C LEU D 47 6.29 5.13 -29.53
N ILE D 48 7.04 4.11 -29.92
CA ILE D 48 7.16 3.67 -31.31
C ILE D 48 6.98 2.18 -31.38
N PHE D 49 6.30 1.68 -32.40
CA PHE D 49 6.37 0.25 -32.71
C PHE D 49 6.56 0.15 -34.22
N SER D 50 6.94 -1.05 -34.68
CA SER D 50 7.17 -1.29 -36.10
C SER D 50 8.26 -0.37 -36.63
N ALA D 51 9.19 -0.03 -35.75
CA ALA D 51 10.34 0.83 -36.05
C ALA D 51 10.00 2.30 -36.30
N SER D 52 8.84 2.59 -36.91
CA SER D 52 8.51 3.98 -37.31
C SER D 52 7.09 4.48 -36.96
N LEU D 53 6.29 3.65 -36.31
CA LEU D 53 4.89 3.95 -36.07
C LEU D 53 4.64 4.37 -34.62
N ARG D 54 3.99 5.51 -34.44
CA ARG D 54 3.74 6.01 -33.09
C ARG D 54 2.57 5.29 -32.44
N PHE D 55 2.67 5.07 -31.12
CA PHE D 55 1.50 4.72 -30.35
C PHE D 55 0.58 5.93 -30.30
N SER D 56 -0.69 5.64 -30.09
CA SER D 56 -1.71 6.66 -29.89
C SER D 56 -1.29 7.67 -28.82
N GLY D 57 -1.39 8.96 -29.14
CA GLY D 57 -1.17 9.99 -28.14
C GLY D 57 0.26 10.52 -28.09
N VAL D 58 1.17 9.80 -28.71
CA VAL D 58 2.56 10.22 -28.79
C VAL D 58 2.67 11.43 -29.73
N PRO D 59 3.36 12.50 -29.28
CA PRO D 59 3.48 13.73 -30.09
C PRO D 59 4.20 13.50 -31.40
N ALA D 60 3.82 14.25 -32.43
CA ALA D 60 4.41 14.09 -33.75
C ALA D 60 5.91 14.39 -33.78
N ARG D 61 6.45 15.05 -32.75
CA ARG D 61 7.89 15.35 -32.76
C ARG D 61 8.72 14.09 -32.52
N PHE D 62 8.07 13.00 -32.09
CA PHE D 62 8.77 11.71 -31.99
C PHE D 62 8.64 10.93 -33.29
N THR D 63 9.77 10.61 -33.91
CA THR D 63 9.79 9.74 -35.09
C THR D 63 10.79 8.60 -34.90
N GLY D 64 10.57 7.51 -35.63
CA GLY D 64 11.51 6.40 -35.62
C GLY D 64 11.83 5.97 -37.02
N SER D 65 13.04 5.43 -37.22
CA SER D 65 13.44 4.91 -38.53
C SER D 65 14.38 3.74 -38.36
N GLY D 66 14.58 3.01 -39.45
CA GLY D 66 15.51 1.90 -39.45
C GLY D 66 14.84 0.59 -39.79
N SER D 67 15.65 -0.33 -40.30
CA SER D 67 15.21 -1.68 -40.60
CA SER D 67 15.21 -1.68 -40.60
C SER D 67 16.46 -2.54 -40.72
N GLY D 68 16.42 -3.74 -40.17
CA GLY D 68 17.58 -4.62 -40.22
C GLY D 68 18.30 -4.58 -38.89
N THR D 69 19.38 -3.79 -38.78
CA THR D 69 20.11 -3.70 -37.51
C THR D 69 20.23 -2.30 -36.90
N ASP D 70 20.10 -1.24 -37.69
CA ASP D 70 20.30 0.10 -37.14
C ASP D 70 19.02 0.91 -37.01
N PHE D 71 18.69 1.30 -35.79
CA PHE D 71 17.45 2.02 -35.54
C PHE D 71 17.69 3.32 -34.83
N THR D 72 16.82 4.30 -35.09
CA THR D 72 17.01 5.64 -34.57
C THR D 72 15.69 6.22 -34.10
N LEU D 73 15.67 6.67 -32.86
CA LEU D 73 14.56 7.47 -32.36
C LEU D 73 14.94 8.95 -32.45
N THR D 74 14.13 9.75 -33.14
CA THR D 74 14.40 11.18 -33.24
C THR D 74 13.32 12.02 -32.55
N ILE D 75 13.78 13.02 -31.79
CA ILE D 75 12.89 14.03 -31.24
C ILE D 75 13.23 15.36 -31.87
N SER D 76 12.34 15.89 -32.69
CA SER D 76 12.54 17.24 -33.23
C SER D 76 12.06 18.24 -32.18
N ASN D 77 12.65 19.43 -32.18
CA ASN D 77 12.22 20.48 -31.24
C ASN D 77 12.01 19.97 -29.80
N LEU D 78 13.07 19.49 -29.18
CA LEU D 78 12.99 18.90 -27.84
C LEU D 78 12.33 19.84 -26.82
N GLN D 79 11.40 19.30 -26.04
CA GLN D 79 10.81 20.07 -24.95
C GLN D 79 11.39 19.60 -23.65
N SER D 80 11.25 20.43 -22.62
CA SER D 80 11.75 20.07 -21.32
C SER D 80 11.16 18.72 -20.85
N GLU D 81 9.88 18.52 -21.12
CA GLU D 81 9.22 17.29 -20.70
C GLU D 81 9.79 16.04 -21.40
N ASP D 82 10.58 16.24 -22.46
CA ASP D 82 11.20 15.13 -23.18
C ASP D 82 12.51 14.68 -22.56
N LEU D 83 12.98 15.41 -21.54
CA LEU D 83 14.18 15.00 -20.85
C LEU D 83 13.83 13.80 -20.00
N ALA D 84 14.36 12.65 -20.39
CA ALA D 84 13.98 11.37 -19.79
C ALA D 84 14.93 10.33 -20.32
N GLU D 85 14.64 9.07 -20.02
CA GLU D 85 15.44 7.96 -20.52
C GLU D 85 14.68 7.20 -21.60
N TYR D 86 15.40 6.80 -22.65
CA TYR D 86 14.83 6.13 -23.81
C TYR D 86 15.46 4.77 -24.03
N PHE D 87 14.59 3.79 -24.30
CA PHE D 87 14.97 2.41 -24.46
C PHE D 87 14.44 1.87 -25.78
N CYS D 88 15.29 1.21 -26.54
CA CYS D 88 14.79 0.48 -27.71
C CYS D 88 14.53 -0.95 -27.26
N GLN D 89 13.82 -1.68 -28.10
CA GLN D 89 13.48 -3.08 -27.79
C GLN D 89 13.30 -3.81 -29.10
N GLN D 90 13.78 -5.05 -29.18
CA GLN D 90 13.46 -5.85 -30.35
C GLN D 90 12.40 -6.88 -29.93
N TYR D 91 11.49 -7.18 -30.84
CA TYR D 91 10.55 -8.26 -30.65
C TYR D 91 10.50 -9.18 -31.85
N ASN D 92 11.59 -9.21 -32.61
CA ASN D 92 11.72 -10.15 -33.71
C ASN D 92 11.83 -11.59 -33.17
N ASN D 93 12.66 -11.76 -32.14
CA ASN D 93 12.86 -13.06 -31.48
C ASN D 93 12.37 -12.98 -30.03
N TYR D 94 11.68 -14.01 -29.55
CA TYR D 94 11.55 -14.22 -28.12
C TYR D 94 12.90 -14.75 -27.63
N PRO D 95 13.38 -14.29 -26.47
CA PRO D 95 12.80 -13.30 -25.57
C PRO D 95 12.94 -11.85 -26.10
N LEU D 96 11.92 -11.02 -25.91
CA LEU D 96 12.07 -9.61 -26.24
CA LEU D 96 12.06 -9.61 -26.24
C LEU D 96 13.21 -9.10 -25.39
N THR D 97 14.05 -8.24 -25.97
CA THR D 97 15.17 -7.68 -25.24
C THR D 97 15.20 -6.17 -25.40
N PHE D 98 15.54 -5.50 -24.30
CA PHE D 98 15.71 -4.03 -24.27
C PHE D 98 17.14 -3.61 -24.47
N GLY D 99 17.34 -2.44 -25.05
CA GLY D 99 18.65 -1.81 -24.99
C GLY D 99 18.88 -1.27 -23.58
N ALA D 100 20.10 -0.81 -23.29
CA ALA D 100 20.46 -0.43 -21.92
C ALA D 100 19.92 0.93 -21.51
N GLY D 101 19.40 1.71 -22.46
CA GLY D 101 18.84 3.02 -22.14
C GLY D 101 19.76 4.19 -22.47
N THR D 102 19.15 5.29 -22.90
CA THR D 102 19.87 6.54 -23.22
C THR D 102 19.17 7.66 -22.46
N LYS D 103 19.90 8.29 -21.57
CA LYS D 103 19.33 9.37 -20.77
C LYS D 103 19.72 10.72 -21.37
N LEU D 104 18.71 11.52 -21.70
CA LEU D 104 19.01 12.87 -22.19
C LEU D 104 19.33 13.81 -21.02
N GLU D 105 20.25 14.73 -21.26
CA GLU D 105 20.50 15.78 -20.29
C GLU D 105 20.77 17.09 -21.04
N LEU D 106 20.79 18.20 -20.31
CA LEU D 106 20.92 19.51 -20.91
C LEU D 106 22.36 19.99 -20.90
N LYS D 107 22.78 20.59 -22.01
CA LYS D 107 24.08 21.24 -22.04
C LYS D 107 24.03 22.51 -21.21
N ARG D 108 25.13 22.79 -20.51
CA ARG D 108 25.33 24.11 -19.92
C ARG D 108 26.84 24.39 -19.89
N THR D 109 27.21 25.58 -19.43
N THR D 109 27.19 25.58 -19.41
CA THR D 109 28.61 25.94 -19.33
CA THR D 109 28.60 25.97 -19.27
C THR D 109 29.29 25.14 -18.23
C THR D 109 29.28 25.13 -18.20
N VAL D 110 30.53 24.74 -18.49
CA VAL D 110 31.33 23.97 -17.55
C VAL D 110 31.41 24.68 -16.20
N ALA D 111 31.22 23.92 -15.13
CA ALA D 111 31.27 24.43 -13.77
C ALA D 111 32.02 23.44 -12.88
N ALA D 112 33.10 23.91 -12.28
CA ALA D 112 33.83 23.12 -11.30
C ALA D 112 32.96 22.85 -10.07
N PRO D 113 33.16 21.68 -9.44
CA PRO D 113 32.45 21.44 -8.18
C PRO D 113 33.01 22.31 -7.07
N SER D 114 32.15 22.72 -6.15
CA SER D 114 32.59 23.26 -4.88
C SER D 114 32.72 22.05 -3.97
N VAL D 115 33.89 21.87 -3.37
CA VAL D 115 34.13 20.64 -2.61
C VAL D 115 34.10 20.91 -1.12
N PHE D 116 33.36 20.09 -0.38
CA PHE D 116 33.23 20.22 1.06
C PHE D 116 33.46 18.85 1.70
N ILE D 117 34.16 18.82 2.82
CA ILE D 117 34.36 17.55 3.52
C ILE D 117 33.79 17.67 4.93
N PHE D 118 33.16 16.61 5.39
CA PHE D 118 32.54 16.58 6.73
C PHE D 118 33.09 15.43 7.55
N PRO D 119 33.70 15.74 8.71
CA PRO D 119 34.13 14.62 9.58
C PRO D 119 32.93 13.89 10.17
N PRO D 120 33.15 12.68 10.70
CA PRO D 120 31.99 12.05 11.34
C PRO D 120 31.58 12.88 12.55
N SER D 121 30.31 12.84 12.90
CA SER D 121 29.83 13.55 14.08
C SER D 121 30.19 12.79 15.33
N ASP D 122 30.30 13.50 16.44
CA ASP D 122 30.55 12.85 17.73
C ASP D 122 29.44 11.85 18.05
N GLU D 123 28.20 12.18 17.71
CA GLU D 123 27.08 11.24 17.94
C GLU D 123 27.37 9.91 17.29
N GLN D 124 27.76 9.95 16.02
CA GLN D 124 27.98 8.71 15.30
C GLN D 124 29.14 7.92 15.91
N LEU D 125 30.23 8.64 16.23
CA LEU D 125 31.38 8.02 16.88
C LEU D 125 31.01 7.25 18.13
N LYS D 126 30.07 7.79 18.92
CA LYS D 126 29.57 7.09 20.10
C LYS D 126 29.06 5.69 19.77
N SER D 127 28.48 5.53 18.59
CA SER D 127 27.93 4.23 18.17
C SER D 127 28.98 3.29 17.58
N GLY D 128 30.21 3.79 17.38
CA GLY D 128 31.29 2.92 16.96
C GLY D 128 31.53 2.83 15.47
N THR D 129 30.95 3.76 14.70
CA THR D 129 31.23 3.85 13.27
C THR D 129 31.58 5.29 12.90
N ALA D 130 32.44 5.45 11.90
CA ALA D 130 32.79 6.75 11.38
C ALA D 130 32.39 6.88 9.92
N SER D 131 31.53 7.85 9.60
CA SER D 131 31.23 8.13 8.22
C SER D 131 31.82 9.49 7.87
N VAL D 132 32.72 9.50 6.90
CA VAL D 132 33.33 10.74 6.43
C VAL D 132 32.70 11.05 5.08
N VAL D 133 32.19 12.28 4.92
CA VAL D 133 31.41 12.60 3.73
C VAL D 133 32.09 13.70 2.96
N CYS D 134 32.21 13.49 1.66
CA CYS D 134 32.74 14.50 0.79
C CYS D 134 31.66 14.87 -0.21
N LEU D 135 31.47 16.18 -0.39
CA LEU D 135 30.43 16.69 -1.25
C LEU D 135 31.04 17.47 -2.40
N LEU D 136 30.63 17.12 -3.62
CA LEU D 136 30.97 17.86 -4.82
C LEU D 136 29.69 18.53 -5.27
N ASN D 137 29.61 19.85 -5.13
CA ASN D 137 28.33 20.52 -5.36
C ASN D 137 28.26 21.36 -6.64
N ASN D 138 27.16 21.19 -7.37
CA ASN D 138 26.79 22.03 -8.50
C ASN D 138 27.87 22.13 -9.57
N PHE D 139 28.24 20.99 -10.13
CA PHE D 139 29.24 20.94 -11.20
C PHE D 139 28.64 20.50 -12.53
N TYR D 140 29.39 20.69 -13.60
CA TYR D 140 28.99 20.25 -14.94
C TYR D 140 30.25 20.20 -15.81
N PRO D 141 30.43 19.14 -16.61
CA PRO D 141 29.50 18.02 -16.83
C PRO D 141 29.49 17.02 -15.68
N ARG D 142 28.71 15.95 -15.84
CA ARG D 142 28.49 15.01 -14.74
C ARG D 142 29.71 14.19 -14.38
N GLU D 143 30.59 13.92 -15.35
CA GLU D 143 31.76 13.07 -15.10
C GLU D 143 32.69 13.71 -14.07
N ALA D 144 32.95 12.98 -13.00
CA ALA D 144 33.80 13.47 -11.93
C ALA D 144 34.43 12.27 -11.25
N LYS D 145 35.59 12.48 -10.66
CA LYS D 145 36.32 11.40 -10.02
C LYS D 145 36.67 11.81 -8.59
N VAL D 146 36.27 10.98 -7.61
CA VAL D 146 36.68 11.22 -6.23
C VAL D 146 37.62 10.13 -5.74
N GLN D 147 38.72 10.54 -5.12
CA GLN D 147 39.61 9.59 -4.46
C GLN D 147 39.69 9.93 -2.99
N TRP D 148 39.64 8.92 -2.14
CA TRP D 148 39.83 9.11 -0.71
C TRP D 148 41.28 8.82 -0.35
N LYS D 149 41.82 9.61 0.57
CA LYS D 149 43.16 9.35 1.08
C LYS D 149 43.19 9.45 2.60
N VAL D 150 43.77 8.44 3.25
CA VAL D 150 43.88 8.42 4.70
C VAL D 150 45.36 8.44 5.07
N ASP D 151 45.81 9.52 5.69
CA ASP D 151 47.24 9.84 5.83
C ASP D 151 47.95 9.60 4.50
N ASN D 152 47.37 10.17 3.43
CA ASN D 152 47.94 10.14 2.09
C ASN D 152 47.98 8.78 1.41
N ALA D 153 47.44 7.75 2.07
CA ALA D 153 47.30 6.44 1.43
C ALA D 153 46.00 6.38 0.63
N LEU D 154 46.10 6.03 -0.64
CA LEU D 154 44.93 5.89 -1.50
C LEU D 154 44.01 4.78 -1.01
N GLN D 155 42.75 5.15 -0.76
CA GLN D 155 41.76 4.20 -0.26
C GLN D 155 41.06 3.48 -1.40
N SER D 156 40.67 2.24 -1.13
CA SER D 156 39.97 1.47 -2.14
C SER D 156 38.92 0.57 -1.50
N GLY D 157 37.72 0.60 -2.07
CA GLY D 157 36.70 -0.37 -1.70
C GLY D 157 35.94 -0.12 -0.41
N ASN D 158 36.16 1.04 0.21
CA ASN D 158 35.46 1.37 1.46
C ASN D 158 34.70 2.69 1.36
N SER D 159 34.30 3.05 0.14
CA SER D 159 33.50 4.24 -0.06
C SER D 159 32.33 3.92 -0.97
N GLN D 160 31.27 4.72 -0.87
CA GLN D 160 30.17 4.63 -1.82
C GLN D 160 29.80 6.03 -2.24
N GLU D 161 29.36 6.20 -3.48
CA GLU D 161 28.95 7.53 -3.91
C GLU D 161 27.59 7.49 -4.59
N SER D 162 26.95 8.64 -4.69
CA SER D 162 25.77 8.74 -5.53
C SER D 162 25.68 10.15 -6.05
N VAL D 163 24.91 10.30 -7.10
CA VAL D 163 24.82 11.56 -7.86
C VAL D 163 23.37 11.95 -8.01
N THR D 164 23.08 13.24 -7.85
CA THR D 164 21.75 13.74 -8.07
C THR D 164 21.40 13.70 -9.55
N GLU D 165 20.10 13.73 -9.84
CA GLU D 165 19.64 13.99 -11.19
C GLU D 165 20.00 15.44 -11.54
N GLN D 166 20.12 15.73 -12.83
CA GLN D 166 20.51 17.06 -13.26
C GLN D 166 19.52 18.07 -12.70
N ASP D 167 20.03 19.19 -12.19
CA ASP D 167 19.19 20.14 -11.48
C ASP D 167 18.25 20.84 -12.44
N SER D 168 16.99 20.94 -12.06
CA SER D 168 15.97 21.43 -12.96
C SER D 168 16.08 22.94 -13.15
N LYS D 169 16.86 23.61 -12.29
CA LYS D 169 16.96 25.05 -12.39
C LYS D 169 18.31 25.53 -12.93
N ASP D 170 19.40 24.85 -12.59
CA ASP D 170 20.70 25.34 -13.06
C ASP D 170 21.50 24.31 -13.86
N SER D 171 20.90 23.14 -14.09
CA SER D 171 21.47 22.09 -14.95
C SER D 171 22.80 21.51 -14.45
N THR D 172 23.07 21.65 -13.15
CA THR D 172 24.27 21.06 -12.57
C THR D 172 23.99 19.72 -11.92
N TYR D 173 25.08 19.07 -11.53
CA TYR D 173 24.99 17.81 -10.83
C TYR D 173 25.66 18.00 -9.48
N SER D 174 25.32 17.16 -8.51
CA SER D 174 26.08 17.14 -7.27
C SER D 174 26.38 15.70 -6.95
N LEU D 175 27.46 15.46 -6.20
CA LEU D 175 27.90 14.10 -5.90
C LEU D 175 28.30 14.02 -4.44
N SER D 176 27.93 12.93 -3.79
CA SER D 176 28.39 12.71 -2.44
C SER D 176 29.07 11.36 -2.38
N SER D 177 30.21 11.33 -1.71
CA SER D 177 30.96 10.12 -1.51
C SER D 177 31.13 9.95 -0.02
N THR D 178 30.84 8.75 0.47
CA THR D 178 30.93 8.47 1.90
C THR D 178 32.01 7.42 2.14
N LEU D 179 33.02 7.76 2.94
CA LEU D 179 34.00 6.80 3.41
C LEU D 179 33.54 6.24 4.76
N THR D 180 33.44 4.92 4.89
CA THR D 180 32.97 4.36 6.14
C THR D 180 34.06 3.54 6.80
N LEU D 181 34.37 3.85 8.06
CA LEU D 181 35.32 3.09 8.85
C LEU D 181 34.73 2.75 10.20
N SER D 182 35.31 1.75 10.86
CA SER D 182 35.02 1.54 12.26
C SER D 182 35.64 2.70 13.03
N LYS D 183 35.08 2.98 14.20
CA LYS D 183 35.60 3.98 15.11
C LYS D 183 37.08 3.71 15.40
N ALA D 184 37.41 2.43 15.60
CA ALA D 184 38.78 2.03 15.89
C ALA D 184 39.74 2.38 14.75
N ASP D 185 39.39 1.96 13.53
CA ASP D 185 40.19 2.29 12.36
C ASP D 185 40.29 3.79 12.19
N TYR D 186 39.17 4.48 12.40
CA TYR D 186 39.13 5.94 12.23
C TYR D 186 40.16 6.62 13.12
N GLU D 187 40.23 6.20 14.37
CA GLU D 187 41.11 6.84 15.36
C GLU D 187 42.58 6.43 15.26
N LYS D 188 42.91 5.57 14.30
CA LYS D 188 44.31 5.19 14.07
C LYS D 188 45.01 6.13 13.10
N HIS D 189 44.25 7.08 12.54
CA HIS D 189 44.79 7.92 11.48
C HIS D 189 44.40 9.37 11.70
N LYS D 190 45.17 10.28 11.10
CA LYS D 190 45.04 11.69 11.39
C LYS D 190 44.36 12.46 10.25
N VAL D 191 44.94 12.37 9.06
CA VAL D 191 44.48 13.22 7.99
C VAL D 191 43.50 12.49 7.07
N TYR D 192 42.33 13.09 6.89
CA TYR D 192 41.29 12.52 6.04
C TYR D 192 41.06 13.43 4.86
N ALA D 193 41.27 12.91 3.65
CA ALA D 193 41.29 13.74 2.47
C ALA D 193 40.43 13.19 1.33
N CYS D 194 39.70 14.12 0.72
CA CYS D 194 38.90 13.89 -0.46
C CYS D 194 39.54 14.62 -1.63
N GLU D 195 40.03 13.89 -2.64
CA GLU D 195 40.66 14.50 -3.83
C GLU D 195 39.75 14.36 -5.05
N VAL D 196 39.50 15.48 -5.70
CA VAL D 196 38.50 15.56 -6.74
C VAL D 196 39.08 15.93 -8.09
N THR D 197 38.71 15.16 -9.12
CA THR D 197 39.11 15.46 -10.49
C THR D 197 37.87 15.79 -11.31
N HIS D 198 37.97 16.87 -12.09
CA HIS D 198 36.85 17.35 -12.90
C HIS D 198 37.37 18.31 -13.94
N GLN D 199 36.72 18.33 -15.09
CA GLN D 199 37.08 19.21 -16.19
C GLN D 199 37.22 20.68 -15.75
N GLY D 200 36.40 21.11 -14.80
CA GLY D 200 36.42 22.51 -14.36
C GLY D 200 37.60 22.85 -13.47
N LEU D 201 38.32 21.82 -13.00
CA LEU D 201 39.50 21.98 -12.17
C LEU D 201 40.76 21.79 -12.98
N SER D 202 41.63 22.79 -13.01
CA SER D 202 42.82 22.73 -13.88
C SER D 202 43.88 21.79 -13.30
N SER D 203 43.71 21.42 -12.03
CA SER D 203 44.39 20.27 -11.47
C SER D 203 43.52 19.78 -10.31
N PRO D 204 43.70 18.53 -9.88
CA PRO D 204 42.79 17.99 -8.84
C PRO D 204 42.81 18.81 -7.54
N VAL D 205 41.63 19.04 -6.98
CA VAL D 205 41.49 19.75 -5.71
C VAL D 205 41.35 18.77 -4.57
N THR D 206 42.04 19.04 -3.46
CA THR D 206 41.92 18.23 -2.26
C THR D 206 41.32 19.05 -1.11
N LYS D 207 40.27 18.51 -0.48
CA LYS D 207 39.78 19.00 0.81
C LYS D 207 40.12 17.97 1.90
N SER D 208 40.66 18.44 3.01
CA SER D 208 41.02 17.52 4.08
C SER D 208 40.75 18.10 5.46
N PHE D 209 40.81 17.25 6.47
CA PHE D 209 40.81 17.68 7.86
C PHE D 209 41.67 16.75 8.70
N ASN D 210 42.12 17.23 9.85
CA ASN D 210 42.80 16.38 10.82
C ASN D 210 41.84 16.00 11.92
N ARG D 211 41.71 14.68 12.18
CA ARG D 211 40.79 14.17 13.20
C ARG D 211 40.99 14.85 14.55
N GLY D 212 39.88 15.36 15.10
CA GLY D 212 39.91 16.07 16.37
C GLY D 212 40.72 17.36 16.32
N GLU D 213 40.21 18.35 15.59
CA GLU D 213 40.92 19.62 15.42
C GLU D 213 40.02 20.70 14.86
N GLN E 1 -12.40 5.42 -17.69
CA GLN E 1 -10.97 5.68 -17.69
C GLN E 1 -10.25 4.38 -17.47
N VAL E 2 -9.17 4.16 -18.23
CA VAL E 2 -8.46 2.91 -18.13
C VAL E 2 -7.57 2.92 -16.89
N GLN E 3 -7.53 1.78 -16.21
CA GLN E 3 -6.76 1.65 -15.01
C GLN E 3 -6.23 0.23 -14.91
N LEU E 4 -4.91 0.10 -14.90
CA LEU E 4 -4.27 -1.14 -14.48
C LEU E 4 -3.84 -0.94 -13.04
N GLN E 5 -4.57 -1.55 -12.11
CA GLN E 5 -4.29 -1.36 -10.69
C GLN E 5 -3.41 -2.47 -10.13
N GLN E 6 -2.18 -2.13 -9.77
CA GLN E 6 -1.26 -3.11 -9.21
C GLN E 6 -1.33 -3.21 -7.69
N SER E 7 -1.10 -4.41 -7.18
N SER E 7 -1.10 -4.41 -7.18
CA SER E 7 -1.07 -4.67 -5.74
CA SER E 7 -1.06 -4.67 -5.75
C SER E 7 -0.16 -5.87 -5.47
C SER E 7 -0.16 -5.87 -5.48
N GLY E 8 0.12 -6.14 -4.20
CA GLY E 8 0.78 -7.37 -3.79
C GLY E 8 2.29 -7.56 -3.74
N GLY E 9 3.08 -6.50 -3.65
CA GLY E 9 4.51 -6.72 -3.58
C GLY E 9 5.03 -6.50 -2.18
N GLY E 10 6.07 -5.67 -2.06
CA GLY E 10 6.55 -5.28 -0.77
C GLY E 10 7.78 -6.07 -0.35
N LEU E 11 7.91 -6.26 0.95
CA LEU E 11 9.09 -6.88 1.54
C LEU E 11 8.98 -8.41 1.52
N VAL E 12 10.12 -9.05 1.27
CA VAL E 12 10.20 -10.51 1.29
C VAL E 12 11.65 -10.88 1.57
N GLN E 13 11.88 -12.05 2.15
CA GLN E 13 13.25 -12.47 2.43
C GLN E 13 13.78 -13.34 1.28
N PRO E 14 15.11 -13.40 1.10
CA PRO E 14 15.66 -14.24 0.03
C PRO E 14 15.13 -15.67 0.12
N GLY E 15 14.86 -16.28 -1.03
CA GLY E 15 14.29 -17.62 -1.04
C GLY E 15 12.77 -17.63 -0.94
N GLY E 16 12.18 -16.46 -0.67
CA GLY E 16 10.74 -16.38 -0.44
C GLY E 16 9.90 -16.26 -1.70
N SER E 17 8.59 -16.14 -1.51
CA SER E 17 7.66 -16.02 -2.63
C SER E 17 6.75 -14.84 -2.45
N LEU E 18 6.27 -14.29 -3.56
CA LEU E 18 5.43 -13.12 -3.58
C LEU E 18 4.55 -13.24 -4.80
N LYS E 19 3.28 -12.88 -4.71
CA LYS E 19 2.43 -12.89 -5.90
C LYS E 19 1.93 -11.49 -6.19
N LEU E 20 2.32 -10.94 -7.33
CA LEU E 20 1.88 -9.60 -7.72
C LEU E 20 0.59 -9.67 -8.55
N SER E 21 -0.27 -8.65 -8.37
N SER E 21 -0.28 -8.68 -8.38
CA SER E 21 -1.54 -8.56 -9.06
CA SER E 21 -1.52 -8.66 -9.16
C SER E 21 -1.61 -7.30 -9.90
C SER E 21 -1.69 -7.32 -9.85
N CYS E 22 -2.28 -7.40 -11.05
CA CYS E 22 -2.50 -6.26 -11.91
C CYS E 22 -3.93 -6.36 -12.45
N ALA E 23 -4.82 -5.56 -11.87
CA ALA E 23 -6.25 -5.65 -12.17
C ALA E 23 -6.68 -4.57 -13.15
N ALA E 24 -7.23 -5.00 -14.29
CA ALA E 24 -7.54 -4.08 -15.38
C ALA E 24 -9.01 -3.73 -15.42
N SER E 25 -9.30 -2.48 -15.78
CA SER E 25 -10.68 -2.05 -16.01
C SER E 25 -10.65 -0.91 -17.01
N GLY E 26 -11.69 -0.80 -17.83
CA GLY E 26 -11.75 0.26 -18.82
C GLY E 26 -11.34 -0.22 -20.20
N ILE E 27 -10.83 -1.45 -20.27
CA ILE E 27 -10.57 -2.09 -21.54
C ILE E 27 -11.12 -3.51 -21.49
N ASP E 28 -11.33 -4.11 -22.66
CA ASP E 28 -11.71 -5.51 -22.70
C ASP E 28 -10.45 -6.36 -22.50
N PHE E 29 -10.08 -6.52 -21.23
CA PHE E 29 -8.92 -7.29 -20.78
C PHE E 29 -8.75 -8.61 -21.53
N SER E 30 -9.88 -9.26 -21.80
CA SER E 30 -9.89 -10.60 -22.34
C SER E 30 -9.41 -10.70 -23.79
N ARG E 31 -9.41 -9.58 -24.51
CA ARG E 31 -8.97 -9.51 -25.92
C ARG E 31 -7.46 -9.45 -26.11
N TYR E 32 -6.75 -9.03 -25.06
CA TYR E 32 -5.37 -8.55 -25.23
C TYR E 32 -4.30 -9.39 -24.54
N TRP E 33 -3.13 -9.41 -25.16
CA TRP E 33 -1.94 -9.94 -24.51
C TRP E 33 -1.51 -9.02 -23.38
N MET E 34 -0.99 -9.60 -22.31
CA MET E 34 -0.51 -8.81 -21.16
C MET E 34 0.96 -9.07 -20.92
N SER E 35 1.66 -8.03 -20.47
CA SER E 35 3.09 -8.07 -20.27
C SER E 35 3.53 -7.70 -18.85
N TRP E 36 4.67 -8.25 -18.45
CA TRP E 36 5.40 -7.80 -17.27
C TRP E 36 6.80 -7.30 -17.65
N VAL E 37 7.19 -6.15 -17.09
CA VAL E 37 8.57 -5.68 -17.15
C VAL E 37 8.98 -5.19 -15.77
N ARG E 38 10.28 -5.06 -15.52
CA ARG E 38 10.71 -4.50 -14.24
C ARG E 38 11.88 -3.52 -14.42
N ARG E 39 12.13 -2.73 -13.39
CA ARG E 39 13.28 -1.82 -13.42
C ARG E 39 13.95 -1.89 -12.06
N ALA E 40 15.13 -2.50 -12.02
CA ALA E 40 15.89 -2.64 -10.78
C ALA E 40 16.79 -1.43 -10.59
N PRO E 41 17.14 -1.13 -9.33
CA PRO E 41 18.04 0.02 -9.11
C PRO E 41 19.35 -0.15 -9.88
N GLY E 42 19.75 0.90 -10.60
CA GLY E 42 21.00 0.88 -11.33
C GLY E 42 20.98 0.05 -12.60
N LYS E 43 19.80 -0.40 -13.00
CA LYS E 43 19.69 -1.22 -14.20
C LYS E 43 18.67 -0.59 -15.12
N GLY E 44 18.68 -0.98 -16.39
CA GLY E 44 17.67 -0.54 -17.33
C GLY E 44 16.42 -1.38 -17.24
N LEU E 45 15.47 -1.07 -18.12
CA LEU E 45 14.22 -1.83 -18.21
C LEU E 45 14.53 -3.28 -18.57
N GLU E 46 13.81 -4.21 -17.94
CA GLU E 46 14.01 -5.63 -18.21
C GLU E 46 12.67 -6.28 -18.51
N TRP E 47 12.58 -6.91 -19.67
CA TRP E 47 11.37 -7.65 -20.01
C TRP E 47 11.28 -8.93 -19.18
N ILE E 48 10.12 -9.21 -18.62
CA ILE E 48 9.96 -10.43 -17.82
C ILE E 48 9.19 -11.49 -18.59
N GLY E 49 8.08 -11.09 -19.20
CA GLY E 49 7.37 -12.01 -20.08
C GLY E 49 6.01 -11.50 -20.51
N GLU E 50 5.26 -12.33 -21.22
CA GLU E 50 3.94 -11.93 -21.72
C GLU E 50 3.05 -13.17 -21.88
N ILE E 51 1.75 -12.95 -21.80
CA ILE E 51 0.81 -14.05 -21.82
C ILE E 51 -0.33 -13.65 -22.74
N ASN E 52 -0.77 -14.58 -23.59
CA ASN E 52 -1.83 -14.28 -24.54
C ASN E 52 -3.23 -14.36 -23.85
N PRO E 53 -4.32 -14.00 -24.56
CA PRO E 53 -5.62 -13.91 -23.87
C PRO E 53 -6.11 -15.21 -23.22
N ASP E 54 -5.97 -16.36 -23.90
CA ASP E 54 -6.46 -17.61 -23.32
C ASP E 54 -5.39 -18.41 -22.59
N SER E 55 -4.24 -17.79 -22.32
CA SER E 55 -3.18 -18.39 -21.50
C SER E 55 -2.50 -19.63 -22.14
N SER E 56 -2.72 -19.87 -23.44
CA SER E 56 -2.09 -21.01 -24.09
C SER E 56 -0.65 -20.70 -24.53
N THR E 57 -0.30 -19.43 -24.54
CA THR E 57 1.07 -19.02 -24.86
C THR E 57 1.60 -18.11 -23.76
N ILE E 58 2.72 -18.52 -23.18
CA ILE E 58 3.42 -17.72 -22.19
C ILE E 58 4.91 -17.75 -22.52
N ASN E 59 5.51 -16.58 -22.71
CA ASN E 59 6.94 -16.48 -22.96
C ASN E 59 7.62 -15.70 -21.85
N TYR E 60 8.84 -16.11 -21.50
CA TYR E 60 9.57 -15.56 -20.38
C TYR E 60 10.96 -15.13 -20.82
N ALA E 61 11.54 -14.17 -20.10
CA ALA E 61 12.98 -13.96 -20.14
C ALA E 61 13.62 -15.26 -19.66
N PRO E 62 14.70 -15.70 -20.31
CA PRO E 62 15.16 -17.05 -19.99
C PRO E 62 15.66 -17.16 -18.56
N SER E 63 16.26 -16.11 -18.02
CA SER E 63 16.77 -16.15 -16.66
C SER E 63 15.64 -16.24 -15.61
N LEU E 64 14.41 -15.96 -16.01
CA LEU E 64 13.31 -15.87 -15.05
C LEU E 64 12.30 -17.01 -15.20
N LYS E 65 12.50 -17.86 -16.20
CA LYS E 65 11.49 -18.86 -16.57
C LYS E 65 11.25 -19.90 -15.49
N ASP E 66 12.21 -20.07 -14.60
CA ASP E 66 12.07 -21.09 -13.57
C ASP E 66 11.81 -20.49 -12.19
N LYS E 67 11.75 -19.16 -12.11
CA LYS E 67 11.47 -18.46 -10.85
C LYS E 67 10.10 -17.86 -10.83
N PHE E 68 9.70 -17.35 -11.99
CA PHE E 68 8.50 -16.52 -12.13
C PHE E 68 7.47 -17.25 -12.97
N ILE E 69 6.22 -17.11 -12.56
CA ILE E 69 5.11 -17.70 -13.28
C ILE E 69 4.11 -16.61 -13.59
N ILE E 70 3.79 -16.46 -14.87
CA ILE E 70 2.83 -15.48 -15.29
C ILE E 70 1.50 -16.18 -15.49
N SER E 71 0.41 -15.60 -14.98
CA SER E 71 -0.91 -16.16 -15.20
C SER E 71 -1.93 -15.04 -15.30
N ARG E 72 -3.14 -15.38 -15.70
CA ARG E 72 -4.22 -14.42 -15.72
C ARG E 72 -5.53 -15.09 -15.39
N ASP E 73 -6.44 -14.31 -14.83
CA ASP E 73 -7.80 -14.75 -14.57
C ASP E 73 -8.71 -13.77 -15.27
N ASN E 74 -9.13 -14.08 -16.50
CA ASN E 74 -9.95 -13.13 -17.25
C ASN E 74 -11.31 -12.86 -16.58
N ALA E 75 -11.78 -13.78 -15.74
CA ALA E 75 -13.07 -13.56 -15.07
C ALA E 75 -12.94 -12.46 -14.02
N LYS E 76 -11.70 -12.19 -13.62
CA LYS E 76 -11.43 -11.12 -12.66
C LYS E 76 -10.67 -9.98 -13.33
N ASN E 77 -10.48 -10.09 -14.64
CA ASN E 77 -9.70 -9.10 -15.39
C ASN E 77 -8.36 -8.84 -14.74
N THR E 78 -7.73 -9.88 -14.21
CA THR E 78 -6.50 -9.70 -13.46
C THR E 78 -5.36 -10.55 -13.99
N LEU E 79 -4.21 -9.89 -14.09
CA LEU E 79 -2.94 -10.50 -14.43
C LEU E 79 -2.08 -10.71 -13.19
N TYR E 80 -1.43 -11.87 -13.13
CA TYR E 80 -0.55 -12.16 -11.99
C TYR E 80 0.90 -12.42 -12.38
N LEU E 81 1.77 -12.10 -11.43
CA LEU E 81 3.17 -12.53 -11.49
C LEU E 81 3.53 -13.24 -10.20
N GLN E 82 3.76 -14.55 -10.27
CA GLN E 82 4.14 -15.29 -9.08
C GLN E 82 5.67 -15.39 -9.05
N MET E 83 6.28 -14.79 -8.01
CA MET E 83 7.72 -14.81 -7.83
C MET E 83 8.09 -15.86 -6.81
N SER E 84 9.14 -16.62 -7.07
CA SER E 84 9.67 -17.52 -6.05
C SER E 84 11.19 -17.55 -6.08
N LYS E 85 11.79 -18.09 -5.02
CA LYS E 85 13.23 -18.25 -4.93
C LYS E 85 13.92 -16.91 -5.14
N VAL E 86 13.33 -15.88 -4.59
CA VAL E 86 13.75 -14.52 -4.91
C VAL E 86 15.13 -14.22 -4.34
N ARG E 87 15.80 -13.24 -4.94
CA ARG E 87 17.15 -12.87 -4.53
C ARG E 87 17.28 -11.36 -4.65
N SER E 88 18.41 -10.81 -4.19
CA SER E 88 18.67 -9.35 -4.26
C SER E 88 18.43 -8.77 -5.64
N GLU E 89 18.82 -9.50 -6.68
CA GLU E 89 18.56 -9.06 -8.06
C GLU E 89 17.09 -8.83 -8.38
N ASP E 90 16.18 -9.37 -7.56
CA ASP E 90 14.76 -9.27 -7.85
C ASP E 90 14.10 -8.05 -7.20
N THR E 91 14.90 -7.34 -6.40
CA THR E 91 14.48 -6.07 -5.82
C THR E 91 14.33 -5.08 -6.95
N ALA E 92 13.12 -4.55 -7.14
CA ALA E 92 12.83 -3.77 -8.35
C ALA E 92 11.41 -3.24 -8.31
N LEU E 93 11.13 -2.29 -9.20
CA LEU E 93 9.77 -1.89 -9.52
C LEU E 93 9.26 -2.75 -10.66
N TYR E 94 8.11 -3.40 -10.44
CA TYR E 94 7.49 -4.28 -11.41
C TYR E 94 6.28 -3.59 -12.03
N TYR E 95 6.22 -3.58 -13.34
CA TYR E 95 5.15 -2.95 -14.10
C TYR E 95 4.42 -3.98 -14.97
N CYS E 96 3.09 -3.95 -14.93
CA CYS E 96 2.30 -4.70 -15.90
C CYS E 96 1.94 -3.77 -17.05
N ALA E 97 1.69 -4.33 -18.23
CA ALA E 97 1.33 -3.48 -19.35
C ALA E 97 0.43 -4.23 -20.31
N SER E 98 -0.39 -3.47 -21.04
CA SER E 98 -1.07 -4.06 -22.19
C SER E 98 -0.71 -3.24 -23.41
N LEU E 99 -0.10 -3.90 -24.40
CA LEU E 99 0.20 -3.27 -25.68
C LEU E 99 -0.69 -3.93 -26.73
N TYR E 100 -1.49 -3.15 -27.43
CA TYR E 100 -2.40 -3.73 -28.39
C TYR E 100 -2.78 -2.78 -29.50
N TYR E 101 -3.44 -3.34 -30.50
CA TYR E 101 -3.96 -2.57 -31.61
C TYR E 101 -5.42 -2.91 -31.74
N ASP E 102 -6.28 -1.91 -31.60
CA ASP E 102 -7.73 -2.14 -31.67
C ASP E 102 -8.39 -0.81 -31.98
N TYR E 103 -9.57 -0.88 -32.60
CA TYR E 103 -10.33 0.29 -33.02
C TYR E 103 -9.46 1.29 -33.79
N GLY E 104 -8.56 0.75 -34.62
CA GLY E 104 -7.73 1.55 -35.49
C GLY E 104 -6.58 2.34 -34.85
N ASP E 105 -6.23 2.01 -33.61
CA ASP E 105 -5.15 2.72 -32.91
C ASP E 105 -4.25 1.76 -32.14
N ALA E 106 -2.96 2.08 -32.08
CA ALA E 106 -2.02 1.32 -31.26
C ALA E 106 -2.02 1.90 -29.86
N MET E 107 -2.29 1.05 -28.87
CA MET E 107 -2.53 1.50 -27.50
C MET E 107 -1.50 0.90 -26.56
N ASP E 108 -1.10 1.66 -25.55
CA ASP E 108 -0.33 1.11 -24.44
C ASP E 108 -0.88 1.61 -23.12
N TYR E 109 -1.11 0.69 -22.18
CA TYR E 109 -1.50 1.05 -20.80
C TYR E 109 -0.59 0.36 -19.81
N TRP E 110 -0.31 1.03 -18.69
CA TRP E 110 0.66 0.56 -17.71
C TRP E 110 0.08 0.64 -16.31
N GLY E 111 0.39 -0.34 -15.47
CA GLY E 111 0.12 -0.17 -14.07
C GLY E 111 1.03 0.89 -13.46
N GLN E 112 0.71 1.28 -12.24
CA GLN E 112 1.42 2.34 -11.54
C GLN E 112 2.75 1.81 -10.99
N GLY E 113 2.91 0.49 -11.00
CA GLY E 113 4.15 -0.09 -10.53
C GLY E 113 4.04 -0.64 -9.13
N THR E 114 4.74 -1.75 -8.90
CA THR E 114 4.77 -2.40 -7.60
C THR E 114 6.22 -2.57 -7.16
N SER E 115 6.53 -2.07 -5.98
CA SER E 115 7.88 -2.20 -5.45
C SER E 115 8.03 -3.55 -4.77
N VAL E 116 9.12 -4.24 -5.09
CA VAL E 116 9.51 -5.42 -4.32
C VAL E 116 10.92 -5.22 -3.75
N THR E 117 11.09 -5.47 -2.45
CA THR E 117 12.44 -5.46 -1.89
C THR E 117 12.75 -6.83 -1.28
N VAL E 118 13.79 -7.48 -1.80
CA VAL E 118 14.21 -8.78 -1.31
C VAL E 118 15.39 -8.59 -0.36
N SER E 119 15.21 -9.00 0.90
CA SER E 119 16.26 -8.74 1.89
C SER E 119 16.01 -9.50 3.17
N SER E 120 17.09 -9.77 3.90
CA SER E 120 16.99 -10.33 5.23
C SER E 120 16.79 -9.27 6.29
N ALA E 121 16.99 -8.00 5.92
CA ALA E 121 16.92 -6.93 6.91
C ALA E 121 15.50 -6.74 7.43
N SER E 122 15.35 -6.36 8.69
CA SER E 122 14.02 -6.03 9.21
CA SER E 122 14.04 -6.03 9.25
C SER E 122 13.80 -4.53 9.10
N THR E 123 12.53 -4.13 9.05
CA THR E 123 12.23 -2.69 8.90
C THR E 123 12.82 -1.88 10.07
N LYS E 124 13.51 -0.79 9.72
CA LYS E 124 14.24 -0.02 10.73
C LYS E 124 14.34 1.44 10.31
N GLY E 125 14.01 2.34 11.23
CA GLY E 125 14.11 3.77 10.94
C GLY E 125 15.56 4.24 10.98
N PRO E 126 15.85 5.34 10.30
CA PRO E 126 17.26 5.78 10.21
C PRO E 126 17.78 6.44 11.46
N SER E 127 19.10 6.38 11.62
CA SER E 127 19.78 7.24 12.54
C SER E 127 20.19 8.47 11.75
N VAL E 128 20.02 9.65 12.34
CA VAL E 128 20.30 10.89 11.61
C VAL E 128 21.40 11.66 12.31
N PHE E 129 22.49 11.90 11.58
CA PHE E 129 23.65 12.58 12.13
C PHE E 129 23.86 13.88 11.40
N PRO E 130 24.34 14.91 12.11
CA PRO E 130 24.62 16.19 11.46
C PRO E 130 25.86 16.13 10.58
N LEU E 131 25.80 16.81 9.44
CA LEU E 131 26.97 17.16 8.65
C LEU E 131 27.23 18.65 8.91
N ALA E 132 28.08 18.95 9.90
CA ALA E 132 28.19 20.31 10.43
C ALA E 132 29.02 21.20 9.51
N PRO E 133 28.61 22.46 9.34
CA PRO E 133 29.33 23.40 8.47
C PRO E 133 30.75 23.73 8.94
N SER E 139 34.88 28.37 -0.95
CA SER E 139 33.71 28.47 -0.09
C SER E 139 33.31 29.95 0.12
N GLY E 140 34.08 30.68 0.92
CA GLY E 140 33.80 32.09 1.18
C GLY E 140 32.40 32.36 1.73
N GLY E 141 31.59 33.07 0.95
CA GLY E 141 30.25 33.46 1.41
C GLY E 141 29.22 32.34 1.40
N THR E 142 29.58 31.17 0.86
CA THR E 142 28.69 30.01 0.83
C THR E 142 29.20 28.91 1.74
N ALA E 143 28.31 28.39 2.58
CA ALA E 143 28.64 27.23 3.42
C ALA E 143 27.74 26.05 3.04
N ALA E 144 28.24 24.83 3.27
CA ALA E 144 27.45 23.63 3.03
C ALA E 144 27.20 22.93 4.37
N LEU E 145 25.99 22.48 4.59
CA LEU E 145 25.67 21.72 5.80
C LEU E 145 24.69 20.64 5.39
N GLY E 146 24.39 19.69 6.30
CA GLY E 146 23.51 18.62 5.93
C GLY E 146 23.21 17.60 7.03
N CYS E 147 22.50 16.55 6.63
CA CYS E 147 22.21 15.41 7.50
C CYS E 147 22.57 14.12 6.79
N LEU E 148 23.19 13.23 7.56
CA LEU E 148 23.51 11.90 7.12
C LEU E 148 22.43 10.99 7.69
N VAL E 149 21.63 10.41 6.81
CA VAL E 149 20.49 9.58 7.18
C VAL E 149 20.91 8.13 7.01
N LYS E 150 21.27 7.48 8.10
CA LYS E 150 21.99 6.22 7.99
C LYS E 150 21.22 5.03 8.56
N ASP E 151 21.40 3.89 7.89
CA ASP E 151 21.04 2.59 8.42
C ASP E 151 19.53 2.38 8.58
N TYR E 152 18.80 2.65 7.51
CA TYR E 152 17.36 2.39 7.53
C TYR E 152 16.98 1.32 6.53
N PHE E 153 15.77 0.80 6.67
CA PHE E 153 15.28 -0.22 5.76
C PHE E 153 13.78 -0.30 5.91
N PRO E 154 13.05 -0.41 4.79
CA PRO E 154 13.44 -0.34 3.37
C PRO E 154 13.45 1.12 2.89
N GLU E 155 13.59 1.30 1.58
CA GLU E 155 13.30 2.58 0.94
C GLU E 155 11.81 2.86 1.04
N PRO E 156 11.41 4.15 1.03
CA PRO E 156 12.18 5.37 0.94
C PRO E 156 12.17 6.21 2.22
N VAL E 157 13.08 7.18 2.32
CA VAL E 157 12.94 8.25 3.32
C VAL E 157 12.60 9.52 2.58
N THR E 158 11.95 10.46 3.26
CA THR E 158 11.84 11.82 2.77
C THR E 158 12.63 12.71 3.71
N VAL E 159 13.24 13.76 3.14
CA VAL E 159 13.93 14.77 3.91
C VAL E 159 13.42 16.13 3.51
N SER E 160 13.04 16.94 4.50
CA SER E 160 12.77 18.35 4.26
C SER E 160 13.73 19.18 5.15
N TRP E 161 13.77 20.49 4.92
CA TRP E 161 14.59 21.37 5.75
C TRP E 161 13.74 22.48 6.32
N ASN E 162 13.90 22.76 7.62
CA ASN E 162 13.10 23.75 8.33
C ASN E 162 11.62 23.61 8.01
N SER E 163 11.16 22.36 8.05
CA SER E 163 9.76 22.01 7.88
C SER E 163 9.23 22.46 6.53
N GLY E 164 10.11 22.49 5.53
CA GLY E 164 9.70 22.85 4.19
C GLY E 164 9.96 24.30 3.84
N ALA E 165 10.39 25.08 4.82
CA ALA E 165 10.67 26.51 4.60
C ALA E 165 11.96 26.74 3.82
N LEU E 166 12.87 25.78 3.91
CA LEU E 166 14.16 25.87 3.23
C LEU E 166 14.21 24.88 2.06
N THR E 167 14.17 25.40 0.84
CA THR E 167 14.20 24.55 -0.34
C THR E 167 15.34 24.90 -1.32
N SER E 168 15.71 26.17 -1.37
CA SER E 168 16.80 26.55 -2.27
C SER E 168 18.15 25.99 -1.82
N GLY E 169 18.88 25.41 -2.77
CA GLY E 169 20.18 24.84 -2.46
C GLY E 169 20.15 23.45 -1.86
N VAL E 170 18.95 22.89 -1.69
CA VAL E 170 18.86 21.55 -1.08
C VAL E 170 19.16 20.48 -2.14
N HIS E 171 20.06 19.55 -1.81
CA HIS E 171 20.27 18.35 -2.63
C HIS E 171 20.17 17.11 -1.74
N THR E 172 19.18 16.27 -2.00
CA THR E 172 19.03 15.02 -1.27
C THR E 172 19.42 13.91 -2.21
N PHE E 173 20.45 13.16 -1.84
CA PHE E 173 21.03 12.18 -2.75
C PHE E 173 20.26 10.88 -2.74
N PRO E 174 20.33 10.15 -3.85
CA PRO E 174 19.84 8.76 -3.90
C PRO E 174 20.50 7.94 -2.80
N ALA E 175 19.74 7.07 -2.14
CA ALA E 175 20.32 6.22 -1.13
C ALA E 175 21.29 5.24 -1.78
N VAL E 176 22.23 4.75 -0.98
CA VAL E 176 23.09 3.66 -1.39
C VAL E 176 22.74 2.48 -0.49
N LEU E 177 22.85 1.28 -1.04
CA LEU E 177 22.59 0.08 -0.25
C LEU E 177 23.92 -0.38 0.30
N GLN E 178 24.06 -0.38 1.61
CA GLN E 178 25.32 -0.76 2.24
C GLN E 178 25.43 -2.28 2.34
N SER E 179 26.65 -2.77 2.56
CA SER E 179 26.91 -4.20 2.65
C SER E 179 26.10 -4.86 3.78
N SER E 180 25.69 -4.05 4.75
CA SER E 180 24.86 -4.50 5.86
C SER E 180 23.42 -4.81 5.48
N GLY E 181 23.03 -4.40 4.27
CA GLY E 181 21.63 -4.54 3.84
C GLY E 181 20.79 -3.34 4.22
N LEU E 182 21.41 -2.37 4.89
CA LEU E 182 20.70 -1.16 5.25
C LEU E 182 21.06 -0.03 4.28
N TYR E 183 20.13 0.89 4.12
CA TYR E 183 20.34 2.04 3.23
C TYR E 183 20.92 3.23 3.96
N SER E 184 21.62 4.07 3.21
CA SER E 184 22.13 5.32 3.75
C SER E 184 22.03 6.41 2.71
N LEU E 185 21.65 7.61 3.13
CA LEU E 185 21.77 8.76 2.24
C LEU E 185 22.14 10.04 2.97
N SER E 186 22.56 11.03 2.19
CA SER E 186 22.84 12.36 2.70
C SER E 186 21.93 13.40 2.06
N SER E 187 21.57 14.40 2.85
CA SER E 187 20.85 15.54 2.33
C SER E 187 21.65 16.75 2.69
N VAL E 188 22.01 17.57 1.71
CA VAL E 188 22.82 18.75 2.01
C VAL E 188 22.12 20.00 1.52
N VAL E 189 22.62 21.14 1.97
CA VAL E 189 22.11 22.41 1.49
C VAL E 189 23.23 23.43 1.62
N THR E 190 23.30 24.35 0.67
CA THR E 190 24.21 25.47 0.78
C THR E 190 23.44 26.71 1.20
N VAL E 191 24.05 27.46 2.13
CA VAL E 191 23.42 28.61 2.76
C VAL E 191 24.49 29.71 2.89
N PRO E 192 24.07 30.96 3.15
CA PRO E 192 25.11 31.98 3.36
C PRO E 192 25.89 31.71 4.64
N SER E 193 27.21 31.83 4.56
CA SER E 193 28.09 31.62 5.71
C SER E 193 27.73 32.56 6.84
N SER E 194 27.33 33.77 6.46
CA SER E 194 27.05 34.82 7.41
C SER E 194 25.76 34.52 8.17
N SER E 195 25.02 33.53 7.71
CA SER E 195 23.77 33.17 8.37
C SER E 195 23.99 32.11 9.47
N LEU E 196 25.19 31.56 9.54
CA LEU E 196 25.40 30.36 10.35
C LEU E 196 25.20 30.59 11.85
N GLY E 197 25.48 31.80 12.32
CA GLY E 197 25.31 32.09 13.72
C GLY E 197 23.88 32.42 14.09
N THR E 198 23.08 32.83 13.11
CA THR E 198 21.81 33.47 13.40
C THR E 198 20.61 32.64 12.95
N GLN E 199 20.78 31.82 11.92
CA GLN E 199 19.70 31.03 11.38
C GLN E 199 19.77 29.57 11.82
N THR E 200 18.64 29.00 12.23
CA THR E 200 18.58 27.61 12.62
C THR E 200 18.33 26.71 11.41
N TYR E 201 19.05 25.60 11.34
CA TYR E 201 18.88 24.65 10.27
C TYR E 201 18.57 23.29 10.87
N ILE E 202 17.38 22.80 10.54
CA ILE E 202 16.92 21.49 10.98
C ILE E 202 16.48 20.64 9.80
N CYS E 203 16.98 19.41 9.72
CA CYS E 203 16.48 18.49 8.72
C CYS E 203 15.38 17.60 9.31
N ASN E 204 14.26 17.50 8.61
CA ASN E 204 13.17 16.65 9.05
C ASN E 204 13.17 15.38 8.21
N VAL E 205 13.38 14.25 8.88
CA VAL E 205 13.57 12.98 8.18
C VAL E 205 12.43 12.02 8.50
N ASN E 206 11.62 11.71 7.49
CA ASN E 206 10.49 10.82 7.69
C ASN E 206 10.72 9.45 7.03
N HIS E 207 10.35 8.40 7.73
CA HIS E 207 10.50 7.05 7.20
C HIS E 207 9.17 6.33 7.42
N LYS E 208 8.31 6.42 6.43
CA LYS E 208 6.97 5.84 6.53
C LYS E 208 6.97 4.33 6.82
N PRO E 209 7.89 3.55 6.22
CA PRO E 209 7.85 2.13 6.56
C PRO E 209 7.99 1.83 8.05
N SER E 210 8.72 2.67 8.80
CA SER E 210 8.89 2.42 10.23
C SER E 210 7.97 3.28 11.10
N ASN E 211 7.23 4.16 10.44
CA ASN E 211 6.41 5.19 11.08
C ASN E 211 7.21 6.07 12.00
N THR E 212 8.42 6.45 11.57
CA THR E 212 9.27 7.32 12.38
C THR E 212 9.52 8.67 11.72
N LYS E 213 9.64 9.69 12.56
CA LYS E 213 10.05 11.03 12.10
C LYS E 213 11.13 11.52 13.04
N VAL E 214 12.19 12.06 12.48
CA VAL E 214 13.30 12.56 13.27
C VAL E 214 13.64 13.97 12.79
N ASP E 215 13.84 14.88 13.73
CA ASP E 215 14.32 16.22 13.43
C ASP E 215 15.73 16.33 13.97
N LYS E 216 16.65 16.82 13.15
CA LYS E 216 18.01 17.01 13.64
C LYS E 216 18.49 18.44 13.37
N ARG E 217 18.73 19.18 14.44
CA ARG E 217 19.31 20.52 14.34
C ARG E 217 20.76 20.39 13.91
N VAL E 218 21.18 21.16 12.92
CA VAL E 218 22.56 21.09 12.46
C VAL E 218 23.24 22.44 12.71
N GLU E 219 24.17 22.48 13.66
CA GLU E 219 24.83 23.76 13.95
C GLU E 219 26.35 23.66 13.87
N PRO E 220 27.04 24.82 13.88
CA PRO E 220 28.49 24.80 14.04
C PRO E 220 28.92 24.29 15.42
N GLN F 7 -38.65 22.35 -6.69
CA GLN F 7 -37.53 21.93 -7.53
C GLN F 7 -37.78 20.58 -8.19
N CYS F 8 -38.97 20.02 -7.97
CA CYS F 8 -39.41 18.82 -8.68
C CYS F 8 -40.76 19.12 -9.34
N SER F 9 -41.24 18.22 -10.18
CA SER F 9 -42.57 18.39 -10.77
C SER F 9 -43.63 17.93 -9.78
N GLN F 10 -44.89 18.19 -10.11
CA GLN F 10 -46.01 17.88 -9.23
C GLN F 10 -46.13 16.39 -8.88
N ASN F 11 -45.71 15.52 -9.80
CA ASN F 11 -45.84 14.07 -9.61
C ASN F 11 -44.55 13.42 -9.09
N GLU F 12 -43.64 14.23 -8.58
CA GLU F 12 -42.43 13.67 -8.00
C GLU F 12 -42.01 14.42 -6.74
N TYR F 13 -41.21 13.77 -5.92
CA TYR F 13 -40.78 14.34 -4.65
C TYR F 13 -39.27 14.28 -4.56
N PHE F 14 -38.69 15.22 -3.82
CA PHE F 14 -37.23 15.26 -3.70
C PHE F 14 -36.72 14.35 -2.59
N ASP F 15 -35.74 13.50 -2.94
CA ASP F 15 -35.03 12.72 -1.94
C ASP F 15 -33.62 13.28 -1.74
N SER F 16 -33.27 13.63 -0.50
CA SER F 16 -32.03 14.36 -0.33
C SER F 16 -30.85 13.41 -0.07
N LEU F 17 -31.11 12.11 0.07
CA LEU F 17 -30.01 11.15 0.14
C LEU F 17 -29.44 10.95 -1.27
N LEU F 18 -30.31 10.78 -2.25
CA LEU F 18 -29.87 10.66 -3.65
C LEU F 18 -29.73 12.01 -4.33
N HIS F 19 -30.24 13.05 -3.65
CA HIS F 19 -30.30 14.41 -4.18
C HIS F 19 -30.98 14.39 -5.54
N ALA F 20 -32.17 13.82 -5.60
CA ALA F 20 -32.88 13.67 -6.86
C ALA F 20 -34.38 13.68 -6.67
N CYS F 21 -35.08 14.09 -7.73
CA CYS F 21 -36.54 14.00 -7.80
C CYS F 21 -36.96 12.57 -8.11
N ILE F 22 -37.82 12.02 -7.26
CA ILE F 22 -38.29 10.64 -7.38
C ILE F 22 -39.77 10.59 -7.76
N PRO F 23 -40.14 9.73 -8.72
CA PRO F 23 -41.55 9.69 -9.08
C PRO F 23 -42.42 9.19 -7.92
N CYS F 24 -43.55 9.87 -7.69
CA CYS F 24 -44.50 9.49 -6.65
C CYS F 24 -45.01 8.05 -6.80
N GLN F 25 -45.13 7.60 -8.05
CA GLN F 25 -45.61 6.24 -8.34
C GLN F 25 -44.90 5.17 -7.53
N LEU F 26 -43.59 5.37 -7.30
CA LEU F 26 -42.79 4.39 -6.55
C LEU F 26 -43.28 4.17 -5.12
N ARG F 27 -43.93 5.18 -4.55
CA ARG F 27 -44.37 5.14 -3.15
C ARG F 27 -45.86 4.90 -2.98
N CYS F 28 -46.58 4.73 -4.08
CA CYS F 28 -48.05 4.66 -4.03
C CYS F 28 -48.57 3.41 -3.32
N SER F 29 -47.73 2.37 -3.26
CA SER F 29 -48.15 1.11 -2.68
C SER F 29 -47.77 1.01 -1.21
N SER F 30 -47.16 2.07 -0.69
CA SER F 30 -46.51 2.02 0.61
C SER F 30 -47.45 2.08 1.81
N ASN F 31 -48.55 2.80 1.67
CA ASN F 31 -49.48 3.16 2.76
C ASN F 31 -48.90 4.27 3.66
N THR F 32 -47.63 4.61 3.48
CA THR F 32 -47.12 5.85 4.05
C THR F 32 -46.34 6.68 3.02
N PRO F 33 -46.99 7.06 1.91
CA PRO F 33 -46.31 7.86 0.89
C PRO F 33 -46.23 9.32 1.33
N PRO F 34 -45.25 10.09 0.80
CA PRO F 34 -45.11 11.51 1.11
C PRO F 34 -46.40 12.28 0.84
N LEU F 35 -46.74 13.23 1.70
CA LEU F 35 -48.02 13.92 1.61
C LEU F 35 -48.23 14.55 0.24
N THR F 36 -47.13 15.03 -0.35
CA THR F 36 -47.18 15.70 -1.63
C THR F 36 -47.60 14.77 -2.77
N CYS F 37 -47.42 13.46 -2.57
CA CYS F 37 -47.71 12.46 -3.60
C CYS F 37 -49.11 11.87 -3.48
N GLN F 38 -49.84 12.26 -2.44
CA GLN F 38 -51.19 11.76 -2.19
C GLN F 38 -52.15 12.13 -3.31
N ARG F 39 -52.04 13.38 -3.78
CA ARG F 39 -52.86 13.86 -4.87
C ARG F 39 -52.65 12.99 -6.11
N TYR F 40 -51.40 12.71 -6.44
CA TYR F 40 -51.07 11.85 -7.56
C TYR F 40 -51.53 10.42 -7.32
N CYS F 41 -51.16 9.86 -6.16
CA CYS F 41 -51.51 8.48 -5.82
C CYS F 41 -53.00 8.32 -5.58
CU CU G . -27.14 17.99 16.98
CU CU H . 0.58 -8.27 44.50
C1 BTB I . 1.61 -4.55 45.83
O1 BTB I . 2.27 -3.81 44.80
C2 BTB I . 1.42 -6.04 45.50
C3 BTB I . 1.15 -6.75 46.82
O3 BTB I . 1.02 -8.16 46.61
C4 BTB I . 2.73 -6.62 44.92
O4 BTB I . 2.49 -7.95 44.50
N BTB I . 0.31 -6.27 44.59
C5 BTB I . -0.96 -5.82 45.16
C6 BTB I . -1.95 -6.99 45.17
O6 BTB I . -1.28 -8.15 45.67
C7 BTB I . 0.48 -5.66 43.29
C8 BTB I . -0.17 -6.53 42.22
O8 BTB I . 0.44 -7.79 42.26
CU CU J . 46.11 2.07 9.09
C1 BTB K . 48.22 -0.91 7.67
O1 BTB K . 48.45 -1.04 6.27
C2 BTB K . 47.44 0.39 7.93
C3 BTB K . 46.85 0.89 6.62
O3 BTB K . 46.08 2.07 6.84
C4 BTB K . 48.40 1.44 8.49
O4 BTB K . 49.37 1.78 7.52
N BTB K . 46.36 0.10 8.89
C5 BTB K . 45.30 -0.66 8.24
C6 BTB K . 43.93 -0.26 8.79
O6 BTB K . 43.85 1.14 8.99
C7 BTB K . 46.88 -0.69 9.98
C8 BTB K . 46.80 0.03 11.33
O8 BTB K . 46.85 1.43 11.15
#